data_9NCW
#
_entry.id   9NCW
#
_cell.length_a   46.534
_cell.length_b   68.696
_cell.length_c   93.018
_cell.angle_alpha   91.293
_cell.angle_beta   103.260
_cell.angle_gamma   90.383
#
_symmetry.space_group_name_H-M   'P 1'
#
loop_
_entity.id
_entity.type
_entity.pdbx_description
1 polymer 'WD repeat-containing protein 5'
2 non-polymer 1-{[(6P)-3-[(3,5-dimethoxyphenyl)methyl]-6-(4-fluoro-2-methylphenyl)-4,5-dihydro-3H-naphtho[1,2-d][1,2,3]triazol-8-yl]methyl}-3-methyl-1,3-dihydro-2H-imidazol-2-imine
3 water water
#
_entity_poly.entity_id   1
_entity_poly.type   'polypeptide(L)'
_entity_poly.pdbx_seq_one_letter_code
;MGSSHHHHHHGSSMSDSEVNQEAKPEVKPEVKPETHINLKVSDGSSEIFFKIKKTTPLRRLMEAFAKRQGKEMDSLRFLY
DGIRIQADQTPEDLDMEDNDIIEAHREQIGGSATQSKPTPVKPNYALKFTLAGHTKAVSSVKFSPNGEWLASSSADKLIK
IWGAYDGKFEKTISGHKLGISDVAWSSDSNLLVSASDDKTLKIWDVSSGKCLKTLKGHSNYVFCCNFNPQSNLIVSGSFD
ESVRIWDVKTGKCLKTLPAHSDPVSAVHFNRDGSLIVSSSYDGLCRIWDTASGQCLKTLIDDDNPPVSFVKFSPNGKYIL
AATLDNTLKLWDYSKGKCLKTYTGHKNEKYCIFANFSVTGGKWIVSGSEDNLVYIWNLQTKEIVQKLQGHTDVVISTACH
PTENIIASAALENDKTIKLWKSDC
;
_entity_poly.pdbx_strand_id   A,B,C,D
#
loop_
_chem_comp.id
_chem_comp.type
_chem_comp.name
_chem_comp.formula
A1BW9 non-polymer 1-{[(6P)-3-[(3,5-dimethoxyphenyl)methyl]-6-(4-fluoro-2-methylphenyl)-4,5-dihydro-3H-naphtho[1,2-d][1,2,3]triazol-8-yl]methyl}-3-methyl-1,3-dihydro-2H-imidazol-2-imine 'C31 H31 F N6 O2'
#
# COMPACT_ATOMS: atom_id res chain seq x y z
N PRO A 123 26.27 18.98 -23.64
CA PRO A 123 26.14 17.52 -23.56
C PRO A 123 26.86 16.81 -24.69
N ASN A 124 26.97 15.48 -24.59
CA ASN A 124 27.58 14.68 -25.64
C ASN A 124 26.76 13.43 -25.88
N TYR A 125 25.46 13.63 -26.15
CA TYR A 125 24.59 12.53 -26.51
C TYR A 125 25.15 11.81 -27.73
N ALA A 126 25.24 10.48 -27.63
CA ALA A 126 25.77 9.64 -28.69
C ALA A 126 24.86 8.43 -28.85
N LEU A 127 24.69 7.99 -30.08
CA LEU A 127 23.79 6.89 -30.40
C LEU A 127 24.27 5.60 -29.74
N LYS A 128 23.42 5.00 -28.92
CA LYS A 128 23.74 3.71 -28.29
C LYS A 128 22.94 2.55 -28.86
N PHE A 129 21.66 2.73 -29.20
CA PHE A 129 20.84 1.63 -29.69
C PHE A 129 19.82 2.15 -30.68
N THR A 130 19.54 1.34 -31.71
CA THR A 130 18.44 1.60 -32.64
C THR A 130 17.40 0.51 -32.48
N LEU A 131 16.15 0.92 -32.32
CA LEU A 131 15.06 0.02 -31.94
C LEU A 131 14.15 -0.12 -33.16
N ALA A 132 14.25 -1.26 -33.83
CA ALA A 132 13.47 -1.55 -35.02
C ALA A 132 12.38 -2.56 -34.68
N GLY A 133 11.27 -2.47 -35.41
CA GLY A 133 10.16 -3.38 -35.22
C GLY A 133 8.86 -2.81 -35.74
N HIS A 134 8.62 -1.52 -35.52
CA HIS A 134 7.41 -0.92 -36.10
C HIS A 134 7.48 -0.98 -37.62
N THR A 135 6.32 -1.19 -38.24
CA THR A 135 6.22 -1.33 -39.69
C THR A 135 5.62 -0.11 -40.37
N LYS A 136 5.24 0.92 -39.61
CA LYS A 136 4.86 2.22 -40.14
C LYS A 136 5.50 3.28 -39.25
N ALA A 137 5.19 4.54 -39.53
CA ALA A 137 5.71 5.66 -38.77
C ALA A 137 5.53 5.45 -37.27
N VAL A 138 6.57 5.79 -36.51
CA VAL A 138 6.41 5.88 -35.06
C VAL A 138 5.79 7.23 -34.76
N SER A 139 4.89 7.28 -33.78
CA SER A 139 4.21 8.52 -33.44
C SER A 139 4.61 9.09 -32.09
N SER A 140 5.01 8.27 -31.13
CA SER A 140 5.35 8.79 -29.81
C SER A 140 6.26 7.81 -29.09
N VAL A 141 7.16 8.33 -28.26
CA VAL A 141 7.96 7.54 -27.35
C VAL A 141 7.91 8.19 -25.97
N LYS A 142 7.81 7.37 -24.93
CA LYS A 142 7.74 7.86 -23.55
C LYS A 142 8.47 6.90 -22.63
N PHE A 143 9.25 7.44 -21.69
CA PHE A 143 9.86 6.64 -20.63
C PHE A 143 8.90 6.43 -19.48
N SER A 144 8.88 5.22 -18.93
CA SER A 144 8.12 4.98 -17.71
C SER A 144 8.68 5.84 -16.57
N PRO A 145 7.83 6.28 -15.64
CA PRO A 145 8.31 7.09 -14.51
C PRO A 145 9.35 6.39 -13.64
N ASN A 146 9.35 5.06 -13.59
CA ASN A 146 10.37 4.36 -12.81
C ASN A 146 11.65 4.15 -13.61
N GLY A 147 11.71 4.65 -14.84
CA GLY A 147 12.91 4.62 -15.64
C GLY A 147 13.26 3.30 -16.29
N GLU A 148 12.44 2.27 -16.11
CA GLU A 148 12.81 0.94 -16.58
C GLU A 148 12.49 0.72 -18.05
N TRP A 149 11.46 1.41 -18.57
CA TRP A 149 10.86 1.04 -19.85
C TRP A 149 10.76 2.26 -20.76
N LEU A 150 10.82 1.99 -22.06
CA LEU A 150 10.38 2.94 -23.08
C LEU A 150 9.14 2.34 -23.75
N ALA A 151 8.12 3.16 -23.92
CA ALA A 151 6.94 2.75 -24.68
C ALA A 151 6.90 3.53 -26.00
N SER A 152 6.58 2.84 -27.08
CA SER A 152 6.42 3.48 -28.38
C SER A 152 5.04 3.17 -28.96
N SER A 153 4.45 4.14 -29.65
CA SER A 153 3.22 3.94 -30.40
C SER A 153 3.48 4.17 -31.88
N SER A 154 2.63 3.63 -32.74
CA SER A 154 2.90 3.70 -34.18
C SER A 154 1.62 3.70 -34.99
N ALA A 155 1.72 4.21 -36.21
CA ALA A 155 0.67 4.07 -37.21
C ALA A 155 0.38 2.62 -37.54
N ASP A 156 1.25 1.68 -37.14
CA ASP A 156 1.01 0.27 -37.40
C ASP A 156 0.04 -0.36 -36.41
N LYS A 157 -0.62 0.46 -35.58
CA LYS A 157 -1.64 0.07 -34.60
C LYS A 157 -1.04 -0.57 -33.36
N LEU A 158 0.27 -0.55 -33.20
CA LEU A 158 0.93 -1.28 -32.11
C LEU A 158 1.57 -0.33 -31.10
N ILE A 159 1.56 -0.78 -29.84
CA ILE A 159 2.46 -0.29 -28.80
C ILE A 159 3.58 -1.30 -28.65
N LYS A 160 4.82 -0.82 -28.50
CA LYS A 160 5.93 -1.70 -28.18
C LYS A 160 6.63 -1.19 -26.94
N ILE A 161 7.11 -2.13 -26.11
CA ILE A 161 7.81 -1.83 -24.87
C ILE A 161 9.27 -2.27 -25.04
N TRP A 162 10.19 -1.41 -24.62
CA TRP A 162 11.61 -1.63 -24.76
C TRP A 162 12.30 -1.33 -23.44
N GLY A 163 13.40 -2.03 -23.17
CA GLY A 163 14.23 -1.69 -22.03
C GLY A 163 14.80 -0.29 -22.16
N ALA A 164 14.63 0.53 -21.12
CA ALA A 164 14.99 1.94 -21.27
C ALA A 164 16.50 2.16 -21.37
N TYR A 165 17.32 1.22 -20.87
CA TYR A 165 18.77 1.40 -20.82
C TYR A 165 19.52 0.64 -21.90
N ASP A 166 18.94 -0.43 -22.44
CA ASP A 166 19.59 -1.22 -23.48
C ASP A 166 18.78 -1.32 -24.77
N GLY A 167 17.60 -0.71 -24.83
CA GLY A 167 16.77 -0.78 -26.01
C GLY A 167 16.24 -2.15 -26.34
N LYS A 168 16.40 -3.12 -25.44
CA LYS A 168 15.98 -4.49 -25.74
C LYS A 168 14.47 -4.56 -25.89
N PHE A 169 14.01 -5.19 -26.97
CA PHE A 169 12.59 -5.37 -27.17
C PHE A 169 12.01 -6.24 -26.05
N GLU A 170 10.89 -5.80 -25.49
CA GLU A 170 10.22 -6.54 -24.42
C GLU A 170 8.90 -7.15 -24.86
N LYS A 171 7.98 -6.37 -25.43
CA LYS A 171 6.72 -6.94 -25.87
C LYS A 171 6.02 -5.97 -26.81
N THR A 172 5.06 -6.53 -27.55
CA THR A 172 4.11 -5.79 -28.36
C THR A 172 2.75 -5.85 -27.69
N ILE A 173 2.04 -4.71 -27.69
CA ILE A 173 0.72 -4.60 -27.12
C ILE A 173 -0.23 -4.20 -28.25
N SER A 174 -1.24 -5.01 -28.52
CA SER A 174 -2.11 -4.81 -29.67
C SER A 174 -3.57 -4.83 -29.25
N GLY A 175 -4.39 -4.19 -30.09
CA GLY A 175 -5.82 -4.19 -29.89
C GLY A 175 -6.52 -3.05 -30.61
N HIS A 176 -5.84 -1.92 -30.77
CA HIS A 176 -6.46 -0.81 -31.49
C HIS A 176 -6.72 -1.22 -32.94
N LYS A 177 -7.78 -0.66 -33.51
CA LYS A 177 -8.19 -0.99 -34.86
C LYS A 177 -7.54 -0.11 -35.92
N LEU A 178 -6.94 1.01 -35.51
CA LEU A 178 -6.29 1.93 -36.41
C LEU A 178 -5.04 2.46 -35.73
N GLY A 179 -4.32 3.33 -36.44
CA GLY A 179 -3.06 3.82 -35.93
C GLY A 179 -3.19 4.52 -34.60
N ILE A 180 -2.10 4.49 -33.82
CA ILE A 180 -2.01 5.10 -32.50
C ILE A 180 -1.16 6.36 -32.64
N SER A 181 -1.67 7.49 -32.12
CA SER A 181 -0.93 8.74 -32.16
C SER A 181 -0.07 8.97 -30.92
N ASP A 182 -0.48 8.48 -29.75
CA ASP A 182 0.16 8.89 -28.52
C ASP A 182 -0.01 7.80 -27.48
N VAL A 183 0.92 7.75 -26.53
CA VAL A 183 0.85 6.83 -25.40
C VAL A 183 1.40 7.56 -24.18
N ALA A 184 0.95 7.16 -22.99
CA ALA A 184 1.37 7.82 -21.76
C ALA A 184 1.27 6.87 -20.59
N TRP A 185 2.21 7.02 -19.66
CA TRP A 185 2.35 6.13 -18.51
C TRP A 185 1.63 6.66 -17.27
N SER A 186 1.12 5.73 -16.48
CA SER A 186 0.66 6.09 -15.14
C SER A 186 1.87 6.34 -14.22
N SER A 187 1.59 6.98 -13.08
CA SER A 187 2.67 7.39 -12.19
C SER A 187 3.42 6.18 -11.61
N ASP A 188 2.74 5.07 -11.36
CA ASP A 188 3.40 3.89 -10.81
C ASP A 188 4.01 2.98 -11.88
N SER A 189 4.01 3.44 -13.14
CA SER A 189 4.55 2.73 -14.31
C SER A 189 3.81 1.44 -14.61
N ASN A 190 2.66 1.19 -13.98
CA ASN A 190 1.96 -0.06 -14.22
C ASN A 190 0.99 0.01 -15.39
N LEU A 191 0.49 1.20 -15.73
CA LEU A 191 -0.51 1.35 -16.77
C LEU A 191 0.01 2.22 -17.91
N LEU A 192 -0.55 1.99 -19.10
CA LEU A 192 -0.35 2.83 -20.26
C LEU A 192 -1.70 3.24 -20.78
N VAL A 193 -1.83 4.48 -21.25
CA VAL A 193 -2.99 4.89 -22.02
C VAL A 193 -2.51 5.23 -23.43
N SER A 194 -3.31 4.87 -24.42
CA SER A 194 -2.99 5.11 -25.82
C SER A 194 -4.15 5.86 -26.46
N ALA A 195 -3.83 6.71 -27.43
CA ALA A 195 -4.84 7.48 -28.15
C ALA A 195 -4.79 7.08 -29.62
N SER A 196 -5.95 6.72 -30.20
CA SER A 196 -5.96 6.07 -31.51
C SER A 196 -6.84 6.79 -32.52
N ASP A 197 -6.52 6.60 -33.80
CA ASP A 197 -7.40 7.03 -34.87
C ASP A 197 -8.72 6.27 -34.84
N ASP A 198 -8.80 5.16 -34.12
CA ASP A 198 -10.08 4.48 -34.07
C ASP A 198 -11.11 5.21 -33.13
N LYS A 199 -10.77 6.43 -32.71
CA LYS A 199 -11.59 7.34 -31.90
C LYS A 199 -11.65 6.93 -30.44
N THR A 200 -10.87 5.95 -30.01
CA THR A 200 -10.86 5.54 -28.62
C THR A 200 -9.48 5.76 -27.99
N LEU A 201 -9.49 5.77 -26.66
CA LEU A 201 -8.29 5.53 -25.86
C LEU A 201 -8.40 4.17 -25.21
N LYS A 202 -7.27 3.52 -25.00
CA LYS A 202 -7.25 2.24 -24.31
C LYS A 202 -6.28 2.34 -23.15
N ILE A 203 -6.72 1.81 -22.01
CA ILE A 203 -5.87 1.69 -20.83
C ILE A 203 -5.35 0.25 -20.78
N TRP A 204 -4.04 0.12 -20.61
CA TRP A 204 -3.36 -1.16 -20.71
C TRP A 204 -2.64 -1.49 -19.42
N ASP A 205 -2.68 -2.76 -19.04
CA ASP A 205 -1.80 -3.29 -18.01
C ASP A 205 -0.50 -3.69 -18.69
N VAL A 206 0.59 -3.00 -18.36
CA VAL A 206 1.84 -3.18 -19.11
C VAL A 206 2.39 -4.59 -18.89
N SER A 207 2.32 -5.10 -17.66
CA SER A 207 2.92 -6.40 -17.37
C SER A 207 2.18 -7.53 -18.10
N SER A 208 0.87 -7.43 -18.26
CA SER A 208 0.11 -8.47 -18.94
C SER A 208 -0.15 -8.18 -20.41
N GLY A 209 -0.02 -6.93 -20.84
CA GLY A 209 -0.37 -6.53 -22.19
C GLY A 209 -1.86 -6.42 -22.46
N LYS A 210 -2.70 -6.58 -21.43
CA LYS A 210 -4.14 -6.66 -21.63
C LYS A 210 -4.77 -5.27 -21.64
N CYS A 211 -5.77 -5.10 -22.50
CA CYS A 211 -6.58 -3.89 -22.48
C CYS A 211 -7.54 -3.96 -21.29
N LEU A 212 -7.40 -3.02 -20.35
CA LEU A 212 -8.25 -2.98 -19.18
C LEU A 212 -9.56 -2.25 -19.45
N LYS A 213 -9.49 -1.11 -20.13
CA LYS A 213 -10.66 -0.32 -20.46
C LYS A 213 -10.47 0.32 -21.81
N THR A 214 -11.59 0.55 -22.51
CA THR A 214 -11.61 1.34 -23.72
C THR A 214 -12.45 2.58 -23.42
N LEU A 215 -11.87 3.75 -23.63
CA LEU A 215 -12.52 5.02 -23.35
C LEU A 215 -13.17 5.52 -24.64
N LYS A 216 -14.51 5.47 -24.69
CA LYS A 216 -15.27 5.87 -25.85
C LYS A 216 -15.99 7.19 -25.59
N GLY A 217 -16.01 8.06 -26.59
CA GLY A 217 -16.66 9.35 -26.45
C GLY A 217 -16.27 10.33 -27.54
N HIS A 218 -14.99 10.40 -27.86
CA HIS A 218 -14.56 11.26 -28.97
C HIS A 218 -15.22 10.82 -30.28
N SER A 219 -15.48 11.80 -31.14
CA SER A 219 -16.11 11.54 -32.43
C SER A 219 -15.14 11.61 -33.60
N ASN A 220 -13.84 11.71 -33.33
CA ASN A 220 -12.84 11.73 -34.38
C ASN A 220 -11.54 11.21 -33.76
N TYR A 221 -10.48 11.16 -34.56
CA TYR A 221 -9.18 10.64 -34.08
C TYR A 221 -8.83 11.23 -32.73
N VAL A 222 -8.35 10.40 -31.82
CA VAL A 222 -7.78 10.89 -30.57
C VAL A 222 -6.29 11.07 -30.82
N PHE A 223 -5.79 12.27 -30.59
CA PHE A 223 -4.45 12.62 -31.02
C PHE A 223 -3.44 12.69 -29.88
N CYS A 224 -3.88 12.95 -28.65
CA CYS A 224 -2.95 13.16 -27.54
C CYS A 224 -3.61 12.73 -26.25
N CYS A 225 -2.78 12.33 -25.29
CA CYS A 225 -3.32 11.85 -24.01
C CYS A 225 -2.26 11.95 -22.92
N ASN A 226 -2.73 11.90 -21.67
CA ASN A 226 -1.83 11.97 -20.51
C ASN A 226 -2.61 11.60 -19.25
N PHE A 227 -1.91 10.92 -18.32
CA PHE A 227 -2.43 10.73 -16.97
C PHE A 227 -2.16 11.99 -16.16
N ASN A 228 -2.98 12.24 -15.13
CA ASN A 228 -2.57 13.25 -14.16
C ASN A 228 -1.60 12.61 -13.17
N PRO A 229 -0.88 13.41 -12.39
CA PRO A 229 0.11 12.83 -11.48
C PRO A 229 -0.49 11.83 -10.49
N GLN A 230 -1.70 12.07 -9.99
CA GLN A 230 -2.35 11.08 -9.15
C GLN A 230 -2.68 9.82 -9.94
N SER A 231 -2.88 9.96 -11.25
CA SER A 231 -3.23 8.89 -12.18
C SER A 231 -4.62 8.32 -11.93
N ASN A 232 -5.48 9.07 -11.26
CA ASN A 232 -6.90 8.75 -11.23
C ASN A 232 -7.64 9.36 -12.42
N LEU A 233 -6.99 10.24 -13.20
CA LEU A 233 -7.62 10.86 -14.37
C LEU A 233 -6.73 10.73 -15.61
N ILE A 234 -7.37 10.75 -16.77
CA ILE A 234 -6.71 10.84 -18.05
C ILE A 234 -7.30 12.03 -18.80
N VAL A 235 -6.44 12.79 -19.47
CA VAL A 235 -6.89 13.87 -20.34
C VAL A 235 -6.55 13.49 -21.78
N SER A 236 -7.46 13.78 -22.70
CA SER A 236 -7.25 13.48 -24.11
C SER A 236 -7.61 14.70 -24.94
N GLY A 237 -6.97 14.80 -26.10
CA GLY A 237 -7.35 15.79 -27.09
C GLY A 237 -7.55 15.10 -28.43
N SER A 238 -8.47 15.66 -29.22
CA SER A 238 -8.95 14.95 -30.40
C SER A 238 -9.11 15.90 -31.60
N PHE A 239 -9.09 15.29 -32.78
CA PHE A 239 -9.48 16.02 -34.00
C PHE A 239 -10.92 16.50 -33.95
N ASP A 240 -11.74 16.01 -33.01
CA ASP A 240 -13.08 16.56 -32.83
C ASP A 240 -13.08 17.90 -32.11
N GLU A 241 -11.89 18.44 -31.81
CA GLU A 241 -11.65 19.78 -31.26
C GLU A 241 -11.99 19.88 -29.78
N SER A 242 -12.29 18.76 -29.13
CA SER A 242 -12.56 18.76 -27.70
C SER A 242 -11.37 18.20 -26.92
N VAL A 243 -11.36 18.55 -25.64
CA VAL A 243 -10.49 17.95 -24.63
C VAL A 243 -11.42 17.19 -23.70
N ARG A 244 -11.10 15.92 -23.41
CA ARG A 244 -11.93 15.14 -22.50
C ARG A 244 -11.14 14.73 -21.26
N ILE A 245 -11.84 14.68 -20.13
CA ILE A 245 -11.27 14.29 -18.85
C ILE A 245 -11.96 12.99 -18.43
N TRP A 246 -11.17 11.95 -18.19
CA TRP A 246 -11.69 10.61 -17.96
C TRP A 246 -11.32 10.10 -16.57
N ASP A 247 -12.25 9.39 -15.95
CA ASP A 247 -11.94 8.70 -14.70
C ASP A 247 -11.32 7.35 -15.03
N VAL A 248 -10.10 7.14 -14.55
CA VAL A 248 -9.35 5.91 -14.85
C VAL A 248 -10.08 4.69 -14.28
N LYS A 249 -10.62 4.82 -13.08
CA LYS A 249 -11.17 3.65 -12.38
C LYS A 249 -12.50 3.19 -12.98
N THR A 250 -13.39 4.12 -13.31
CA THR A 250 -14.65 3.74 -13.94
C THR A 250 -14.56 3.68 -15.46
N GLY A 251 -13.51 4.25 -16.06
CA GLY A 251 -13.41 4.32 -17.50
C GLY A 251 -14.43 5.22 -18.17
N LYS A 252 -15.05 6.12 -17.43
CA LYS A 252 -16.12 6.97 -17.96
C LYS A 252 -15.61 8.39 -18.17
N CYS A 253 -16.21 9.08 -19.14
CA CYS A 253 -15.84 10.47 -19.39
C CYS A 253 -16.51 11.37 -18.35
N LEU A 254 -15.70 12.10 -17.59
CA LEU A 254 -16.23 13.03 -16.60
C LEU A 254 -16.61 14.38 -17.21
N LYS A 255 -15.81 14.89 -18.13
CA LYS A 255 -16.04 16.22 -18.68
C LYS A 255 -15.60 16.25 -20.13
N THR A 256 -16.38 16.96 -20.96
CA THR A 256 -16.03 17.24 -22.35
C THR A 256 -15.85 18.75 -22.46
N LEU A 257 -14.61 19.19 -22.70
CA LEU A 257 -14.32 20.62 -22.80
C LEU A 257 -14.36 21.04 -24.26
N PRO A 258 -15.20 22.01 -24.65
CA PRO A 258 -15.20 22.54 -26.03
C PRO A 258 -14.00 23.47 -26.23
N ALA A 259 -12.82 22.86 -26.23
CA ALA A 259 -11.60 23.58 -25.92
C ALA A 259 -11.12 24.45 -27.07
N HIS A 260 -11.35 24.02 -28.32
CA HIS A 260 -10.70 24.62 -29.47
C HIS A 260 -11.62 24.55 -30.67
N SER A 261 -11.22 25.23 -31.74
CA SER A 261 -12.00 25.24 -32.98
C SER A 261 -11.24 24.57 -34.12
N ASP A 262 -10.24 23.77 -33.77
CA ASP A 262 -9.48 22.95 -34.71
C ASP A 262 -8.90 21.81 -33.91
N PRO A 263 -8.31 20.80 -34.57
CA PRO A 263 -7.80 19.64 -33.83
C PRO A 263 -6.88 20.03 -32.68
N VAL A 264 -7.01 19.30 -31.58
CA VAL A 264 -6.21 19.52 -30.39
C VAL A 264 -4.89 18.79 -30.57
N SER A 265 -3.78 19.54 -30.52
CA SER A 265 -2.47 18.96 -30.79
C SER A 265 -1.78 18.42 -29.54
N ALA A 266 -2.11 18.91 -28.34
CA ALA A 266 -1.42 18.46 -27.14
C ALA A 266 -2.28 18.74 -25.91
N VAL A 267 -2.14 17.89 -24.89
CA VAL A 267 -2.76 18.07 -23.58
C VAL A 267 -1.77 17.62 -22.51
N HIS A 268 -1.65 18.40 -21.42
CA HIS A 268 -0.69 18.05 -20.37
C HIS A 268 -1.20 18.56 -19.02
N PHE A 269 -1.05 17.74 -17.98
CA PHE A 269 -1.38 18.13 -16.62
C PHE A 269 -0.18 18.80 -15.94
N ASN A 270 -0.47 19.72 -15.02
CA ASN A 270 0.58 20.27 -14.18
C ASN A 270 0.89 19.30 -13.03
N ARG A 271 1.76 19.74 -12.11
CA ARG A 271 2.38 18.80 -11.17
C ARG A 271 1.42 18.29 -10.10
N ASP A 272 0.41 19.06 -9.71
CA ASP A 272 -0.59 18.54 -8.78
C ASP A 272 -1.90 18.21 -9.49
N GLY A 273 -1.90 18.21 -10.82
CA GLY A 273 -3.08 17.84 -11.57
C GLY A 273 -4.17 18.89 -11.58
N SER A 274 -3.93 20.08 -11.04
CA SER A 274 -4.99 21.07 -10.93
C SER A 274 -5.26 21.80 -12.24
N LEU A 275 -4.30 21.79 -13.17
CA LEU A 275 -4.40 22.51 -14.44
C LEU A 275 -4.12 21.58 -15.60
N ILE A 276 -4.82 21.83 -16.71
CA ILE A 276 -4.55 21.22 -17.99
C ILE A 276 -4.14 22.32 -18.96
N VAL A 277 -3.04 22.11 -19.69
CA VAL A 277 -2.69 22.98 -20.79
C VAL A 277 -3.01 22.24 -22.08
N SER A 278 -3.64 22.94 -23.02
CA SER A 278 -4.01 22.38 -24.32
C SER A 278 -3.56 23.33 -25.42
N SER A 279 -3.28 22.77 -26.59
CA SER A 279 -2.88 23.55 -27.77
C SER A 279 -3.63 23.02 -28.98
N SER A 280 -3.74 23.88 -30.00
CA SER A 280 -4.55 23.50 -31.15
C SER A 280 -4.04 24.17 -32.42
N TYR A 281 -4.42 23.57 -33.56
CA TYR A 281 -4.23 24.19 -34.86
C TYR A 281 -4.98 25.49 -35.00
N ASP A 282 -5.93 25.79 -34.09
CA ASP A 282 -6.61 27.09 -34.13
C ASP A 282 -5.70 28.23 -33.71
N GLY A 283 -4.48 27.93 -33.27
CA GLY A 283 -3.51 28.96 -32.93
C GLY A 283 -3.49 29.33 -31.47
N LEU A 284 -4.27 28.67 -30.64
CA LEU A 284 -4.44 29.02 -29.25
C LEU A 284 -3.75 28.03 -28.32
N CYS A 285 -3.31 28.54 -27.18
CA CYS A 285 -2.94 27.72 -26.03
CA CYS A 285 -2.93 27.74 -26.02
C CYS A 285 -3.85 28.12 -24.87
N ARG A 286 -4.50 27.13 -24.27
CA ARG A 286 -5.42 27.41 -23.17
C ARG A 286 -5.08 26.60 -21.93
N ILE A 287 -5.34 27.19 -20.77
CA ILE A 287 -5.12 26.56 -19.48
C ILE A 287 -6.48 26.37 -18.82
N TRP A 288 -6.74 25.15 -18.36
CA TRP A 288 -8.02 24.75 -17.84
C TRP A 288 -7.91 24.34 -16.38
N ASP A 289 -8.94 24.67 -15.62
CA ASP A 289 -9.07 24.17 -14.26
C ASP A 289 -9.62 22.75 -14.31
N THR A 290 -8.82 21.78 -13.84
CA THR A 290 -9.21 20.39 -13.98
C THR A 290 -10.54 20.10 -13.29
N ALA A 291 -10.70 20.60 -12.06
CA ALA A 291 -11.86 20.24 -11.25
C ALA A 291 -13.16 20.72 -11.86
N SER A 292 -13.15 21.91 -12.49
CA SER A 292 -14.36 22.49 -13.06
C SER A 292 -14.43 22.40 -14.57
N GLY A 293 -13.31 22.15 -15.23
CA GLY A 293 -13.27 22.18 -16.68
C GLY A 293 -13.33 23.56 -17.29
N GLN A 294 -13.36 24.61 -16.48
CA GLN A 294 -13.48 25.96 -17.01
C GLN A 294 -12.11 26.53 -17.36
N CYS A 295 -12.08 27.40 -18.36
CA CYS A 295 -10.82 27.97 -18.82
C CYS A 295 -10.33 29.01 -17.84
N LEU A 296 -9.03 28.95 -17.51
CA LEU A 296 -8.39 29.95 -16.66
C LEU A 296 -7.64 31.01 -17.44
N LYS A 297 -7.09 30.67 -18.61
CA LYS A 297 -6.24 31.60 -19.35
C LYS A 297 -6.13 31.14 -20.79
N THR A 298 -6.19 32.10 -21.72
CA THR A 298 -5.81 31.85 -23.11
C THR A 298 -4.46 32.50 -23.39
N PRO A 305 -0.04 31.28 -36.02
CA PRO A 305 0.23 29.94 -36.55
C PRO A 305 -0.30 28.84 -35.64
N PRO A 306 -0.55 27.66 -36.19
CA PRO A 306 -0.96 26.52 -35.36
C PRO A 306 0.00 26.32 -34.19
N VAL A 307 -0.55 26.06 -33.02
CA VAL A 307 0.25 25.63 -31.87
C VAL A 307 0.27 24.10 -31.89
N SER A 308 1.45 23.55 -32.13
CA SER A 308 1.59 22.14 -32.47
C SER A 308 1.99 21.26 -31.30
N PHE A 309 2.33 21.86 -30.16
CA PHE A 309 2.75 21.14 -28.97
C PHE A 309 2.80 22.10 -27.81
N VAL A 310 2.42 21.61 -26.62
CA VAL A 310 2.61 22.33 -25.35
C VAL A 310 2.86 21.31 -24.25
N LYS A 311 3.59 21.74 -23.21
CA LYS A 311 3.69 20.98 -21.98
C LYS A 311 4.20 21.89 -20.87
N PHE A 312 3.80 21.58 -19.63
CA PHE A 312 4.31 22.28 -18.47
C PHE A 312 5.77 21.89 -18.22
N SER A 313 6.51 22.82 -17.61
CA SER A 313 7.86 22.53 -17.17
C SER A 313 7.84 21.60 -15.96
N PRO A 314 8.96 20.96 -15.64
CA PRO A 314 8.97 20.06 -14.47
C PRO A 314 8.64 20.74 -13.16
N ASN A 315 8.93 22.04 -13.01
CA ASN A 315 8.50 22.77 -11.82
C ASN A 315 7.10 23.36 -11.96
N GLY A 316 6.46 23.19 -13.11
CA GLY A 316 5.10 23.64 -13.33
C GLY A 316 4.92 25.13 -13.49
N LYS A 317 6.01 25.88 -13.55
CA LYS A 317 5.94 27.34 -13.66
C LYS A 317 5.89 27.82 -15.09
N TYR A 318 6.44 27.05 -16.02
CA TYR A 318 6.56 27.47 -17.40
C TYR A 318 5.81 26.51 -18.30
N ILE A 319 5.52 26.98 -19.51
CA ILE A 319 4.93 26.16 -20.56
C ILE A 319 5.79 26.32 -21.81
N LEU A 320 6.23 25.19 -22.34
CA LEU A 320 6.96 25.16 -23.61
C LEU A 320 5.95 24.93 -24.73
N ALA A 321 5.93 25.82 -25.71
CA ALA A 321 4.96 25.76 -26.80
C ALA A 321 5.69 25.77 -28.13
N ALA A 322 5.31 24.85 -29.02
CA ALA A 322 5.80 24.85 -30.39
C ALA A 322 4.73 25.43 -31.31
N THR A 323 5.17 26.20 -32.31
CA THR A 323 4.29 26.70 -33.36
C THR A 323 4.86 26.32 -34.72
N LEU A 324 3.98 26.14 -35.71
CA LEU A 324 4.40 25.67 -37.03
C LEU A 324 5.03 26.77 -37.87
N ASP A 325 5.80 27.63 -37.22
CA ASP A 325 6.69 28.59 -37.88
C ASP A 325 8.11 28.37 -37.37
N ASN A 326 8.47 27.10 -37.17
CA ASN A 326 9.85 26.71 -36.83
C ASN A 326 10.31 27.32 -35.53
N THR A 327 9.41 27.41 -34.54
CA THR A 327 9.70 28.16 -33.33
C THR A 327 9.18 27.45 -32.10
N LEU A 328 10.04 27.37 -31.07
CA LEU A 328 9.66 26.98 -29.72
C LEU A 328 9.77 28.18 -28.80
N LYS A 329 8.84 28.30 -27.85
CA LYS A 329 8.87 29.42 -26.90
C LYS A 329 8.61 28.90 -25.49
N LEU A 330 9.34 29.46 -24.53
CA LEU A 330 9.14 29.17 -23.12
C LEU A 330 8.33 30.31 -22.52
N TRP A 331 7.16 29.99 -21.98
CA TRP A 331 6.22 30.99 -21.50
C TRP A 331 6.15 30.95 -19.98
N ASP A 332 6.18 32.14 -19.37
CA ASP A 332 5.75 32.29 -17.98
C ASP A 332 4.23 32.37 -18.01
N TYR A 333 3.55 31.29 -17.63
CA TYR A 333 2.10 31.33 -17.71
C TYR A 333 1.48 32.12 -16.57
N SER A 334 2.19 32.27 -15.45
CA SER A 334 1.76 33.19 -14.41
C SER A 334 1.68 34.62 -14.94
N LYS A 335 2.77 35.11 -15.52
CA LYS A 335 2.79 36.44 -16.12
C LYS A 335 2.18 36.48 -17.51
N GLY A 336 2.01 35.32 -18.15
CA GLY A 336 1.57 35.31 -19.53
C GLY A 336 2.55 35.94 -20.49
N LYS A 337 3.86 35.81 -20.23
CA LYS A 337 4.88 36.44 -21.06
C LYS A 337 5.88 35.41 -21.56
N CYS A 338 6.38 35.65 -22.77
CA CYS A 338 7.36 34.77 -23.39
C CYS A 338 8.75 35.12 -22.89
N LEU A 339 9.42 34.14 -22.27
CA LEU A 339 10.73 34.35 -21.67
C LEU A 339 11.88 33.97 -22.57
N LYS A 340 11.70 32.97 -23.44
CA LYS A 340 12.78 32.47 -24.30
C LYS A 340 12.18 31.96 -25.59
N THR A 341 12.97 32.07 -26.67
CA THR A 341 12.59 31.58 -28.00
C THR A 341 13.72 30.73 -28.55
N TYR A 342 13.39 29.55 -29.05
CA TYR A 342 14.37 28.61 -29.60
C TYR A 342 14.05 28.36 -31.07
N THR A 343 15.07 28.53 -31.93
CA THR A 343 14.93 28.30 -33.36
C THR A 343 16.18 27.59 -33.87
N GLY A 344 16.15 27.23 -35.15
CA GLY A 344 17.22 26.48 -35.79
C GLY A 344 16.76 25.13 -36.33
N HIS A 345 15.69 24.58 -35.76
CA HIS A 345 15.07 23.36 -36.23
C HIS A 345 14.06 23.69 -37.34
N LYS A 346 13.52 22.65 -37.96
CA LYS A 346 12.51 22.80 -39.00
C LYS A 346 11.20 22.23 -38.47
N ASN A 347 10.16 23.08 -38.39
CA ASN A 347 8.86 22.62 -37.90
C ASN A 347 7.77 23.49 -38.52
N GLU A 348 7.22 23.02 -39.64
CA GLU A 348 6.15 23.70 -40.35
C GLU A 348 4.96 22.81 -40.66
N LYS A 349 5.07 21.51 -40.47
CA LYS A 349 4.01 20.60 -40.89
C LYS A 349 3.51 19.69 -39.78
N TYR A 350 4.41 19.18 -38.93
CA TYR A 350 4.07 18.12 -38.00
C TYR A 350 4.05 18.61 -36.56
N CYS A 351 3.21 17.96 -35.76
CA CYS A 351 3.21 18.18 -34.31
C CYS A 351 4.35 17.35 -33.73
N ILE A 352 5.43 18.04 -33.38
CA ILE A 352 6.65 17.40 -32.87
C ILE A 352 6.74 17.62 -31.37
N PHE A 353 6.97 16.54 -30.63
CA PHE A 353 7.15 16.61 -29.18
C PHE A 353 8.42 17.37 -28.84
N ALA A 354 8.38 18.11 -27.75
CA ALA A 354 9.57 18.75 -27.20
C ALA A 354 9.62 18.48 -25.70
N ASN A 355 10.78 18.70 -25.10
CA ASN A 355 10.99 18.28 -23.72
C ASN A 355 11.92 19.23 -22.99
N PHE A 356 11.75 19.25 -21.66
CA PHE A 356 12.75 19.76 -20.74
C PHE A 356 13.65 18.60 -20.31
N SER A 357 14.95 18.73 -20.53
CA SER A 357 15.93 17.79 -20.02
C SER A 357 16.47 18.38 -18.72
N VAL A 358 16.33 17.64 -17.62
CA VAL A 358 16.63 18.19 -16.29
C VAL A 358 17.59 17.31 -15.49
N THR A 359 17.92 16.13 -16.03
CA THR A 359 18.77 15.20 -15.26
C THR A 359 20.21 15.68 -15.20
N GLY A 360 20.65 16.46 -16.19
CA GLY A 360 21.98 17.04 -16.19
C GLY A 360 21.94 18.52 -16.47
N GLY A 361 22.64 18.98 -17.51
CA GLY A 361 22.45 20.35 -17.97
C GLY A 361 21.00 20.60 -18.36
N LYS A 362 20.55 21.83 -18.16
CA LYS A 362 19.15 22.18 -18.37
C LYS A 362 18.98 22.54 -19.84
N TRP A 363 18.45 21.58 -20.62
CA TRP A 363 18.27 21.74 -22.05
C TRP A 363 16.80 21.80 -22.42
N ILE A 364 16.57 22.27 -23.65
CA ILE A 364 15.34 22.02 -24.39
C ILE A 364 15.68 21.04 -25.51
N VAL A 365 14.84 20.02 -25.69
CA VAL A 365 15.05 18.96 -26.67
C VAL A 365 13.82 18.89 -27.57
N SER A 366 14.04 18.83 -28.88
CA SER A 366 12.95 18.70 -29.84
C SER A 366 13.39 17.86 -31.04
N GLY A 367 12.43 17.17 -31.65
CA GLY A 367 12.61 16.66 -32.99
C GLY A 367 12.54 17.79 -34.01
N SER A 368 12.61 17.41 -35.28
CA SER A 368 12.72 18.37 -36.36
C SER A 368 12.42 17.71 -37.70
N GLU A 369 11.92 18.50 -38.65
CA GLU A 369 11.59 17.97 -39.96
C GLU A 369 12.80 17.82 -40.87
N ASP A 370 13.99 18.23 -40.42
CA ASP A 370 15.22 17.93 -41.13
C ASP A 370 15.90 16.66 -40.60
N ASN A 371 15.14 15.81 -39.89
CA ASN A 371 15.58 14.48 -39.45
C ASN A 371 16.58 14.51 -38.29
N LEU A 372 16.72 15.64 -37.60
CA LEU A 372 17.66 15.78 -36.50
C LEU A 372 16.96 15.98 -35.16
N VAL A 373 17.67 15.65 -34.09
CA VAL A 373 17.28 15.97 -32.72
C VAL A 373 18.02 17.23 -32.30
N TYR A 374 17.29 18.29 -31.96
CA TYR A 374 17.89 19.55 -31.53
C TYR A 374 17.90 19.65 -30.02
N ILE A 375 19.04 20.12 -29.48
CA ILE A 375 19.21 20.37 -28.05
C ILE A 375 19.68 21.81 -27.88
N TRP A 376 18.92 22.60 -27.12
CA TRP A 376 19.27 23.98 -26.84
C TRP A 376 19.61 24.15 -25.36
N ASN A 377 20.55 25.06 -25.07
CA ASN A 377 20.70 25.58 -23.73
C ASN A 377 19.46 26.41 -23.39
N LEU A 378 18.74 26.02 -22.33
CA LEU A 378 17.46 26.67 -22.03
C LEU A 378 17.66 28.16 -21.79
N GLN A 379 18.74 28.54 -21.10
CA GLN A 379 18.93 29.94 -20.73
C GLN A 379 19.48 30.77 -21.89
N THR A 380 20.51 30.29 -22.57
CA THR A 380 21.14 31.10 -23.61
C THR A 380 20.44 30.98 -24.96
N LYS A 381 19.60 29.96 -25.12
CA LYS A 381 18.88 29.65 -26.35
C LYS A 381 19.79 29.18 -27.47
N GLU A 382 21.09 28.96 -27.19
CA GLU A 382 22.02 28.47 -28.20
C GLU A 382 21.84 26.98 -28.40
N ILE A 383 21.97 26.54 -29.65
CA ILE A 383 21.99 25.11 -29.94
C ILE A 383 23.29 24.52 -29.43
N VAL A 384 23.19 23.50 -28.58
CA VAL A 384 24.37 22.85 -28.03
C VAL A 384 24.68 21.50 -28.67
N GLN A 385 23.69 20.88 -29.32
CA GLN A 385 23.94 19.60 -29.97
C GLN A 385 22.83 19.35 -30.99
N LYS A 386 23.20 18.73 -32.11
CA LYS A 386 22.26 18.17 -33.08
C LYS A 386 22.61 16.70 -33.24
N LEU A 387 21.62 15.84 -33.01
CA LEU A 387 21.82 14.39 -33.07
C LEU A 387 21.40 13.88 -34.45
N GLN A 388 22.37 13.33 -35.18
CA GLN A 388 22.16 12.91 -36.56
C GLN A 388 22.08 11.38 -36.64
N GLY A 389 21.18 10.88 -37.48
CA GLY A 389 21.05 9.45 -37.65
C GLY A 389 19.74 9.02 -38.26
N HIS A 390 18.64 9.65 -37.85
CA HIS A 390 17.34 9.31 -38.41
C HIS A 390 17.28 9.69 -39.89
N THR A 391 16.43 8.98 -40.64
CA THR A 391 16.27 9.21 -42.07
C THR A 391 14.89 9.73 -42.42
N ASP A 392 14.16 10.23 -41.43
CA ASP A 392 12.88 10.88 -41.67
C ASP A 392 12.64 11.83 -40.51
N VAL A 393 11.57 12.62 -40.63
CA VAL A 393 11.17 13.57 -39.60
C VAL A 393 11.24 12.94 -38.22
N VAL A 394 11.94 13.60 -37.29
CA VAL A 394 11.94 13.14 -35.91
C VAL A 394 10.70 13.73 -35.26
N ILE A 395 9.69 12.88 -35.08
CA ILE A 395 8.38 13.33 -34.66
C ILE A 395 8.23 13.36 -33.15
N SER A 396 9.03 12.59 -32.42
CA SER A 396 8.88 12.49 -30.99
C SER A 396 10.25 12.35 -30.35
N THR A 397 10.43 13.01 -29.21
CA THR A 397 11.61 12.81 -28.36
C THR A 397 11.14 12.67 -26.93
N ALA A 398 11.96 12.00 -26.11
CA ALA A 398 11.64 11.81 -24.71
C ALA A 398 12.94 11.82 -23.91
N CYS A 399 12.84 12.17 -22.63
CA CYS A 399 14.00 12.30 -21.74
C CYS A 399 13.83 11.40 -20.53
N HIS A 400 14.85 10.59 -20.24
CA HIS A 400 14.75 9.63 -19.14
C HIS A 400 14.58 10.36 -17.81
N PRO A 401 13.77 9.83 -16.88
CA PRO A 401 13.46 10.61 -15.67
C PRO A 401 14.64 10.81 -14.72
N THR A 402 15.64 9.93 -14.72
CA THR A 402 16.76 10.08 -13.81
C THR A 402 18.14 10.02 -14.45
N GLU A 403 18.26 9.45 -15.65
CA GLU A 403 19.55 9.33 -16.33
C GLU A 403 19.58 10.24 -17.55
N ASN A 404 20.80 10.50 -18.04
CA ASN A 404 21.00 11.38 -19.19
C ASN A 404 20.83 10.55 -20.47
N ILE A 405 19.56 10.27 -20.80
CA ILE A 405 19.22 9.41 -21.93
C ILE A 405 18.06 10.05 -22.69
N ILE A 406 18.19 10.15 -24.01
CA ILE A 406 17.13 10.65 -24.88
C ILE A 406 16.67 9.52 -25.79
N ALA A 407 15.35 9.39 -25.95
CA ALA A 407 14.78 8.56 -27.00
C ALA A 407 14.23 9.45 -28.09
N SER A 408 14.39 9.03 -29.34
CA SER A 408 13.82 9.74 -30.48
C SER A 408 13.15 8.75 -31.42
N ALA A 409 12.17 9.23 -32.19
CA ALA A 409 11.42 8.36 -33.08
C ALA A 409 11.09 9.10 -34.37
N ALA A 410 11.00 8.36 -35.48
CA ALA A 410 10.90 8.98 -36.80
C ALA A 410 9.74 8.41 -37.62
N LEU A 411 9.42 9.14 -38.68
CA LEU A 411 8.28 8.82 -39.55
C LEU A 411 8.66 7.69 -40.51
N GLU A 412 7.82 7.43 -41.51
CA GLU A 412 7.76 6.11 -42.11
C GLU A 412 8.91 5.79 -43.07
N ASN A 413 9.69 6.77 -43.52
CA ASN A 413 10.89 6.41 -44.27
C ASN A 413 11.90 5.72 -43.36
N ASP A 414 11.80 5.97 -42.06
CA ASP A 414 12.74 5.49 -41.06
C ASP A 414 12.11 4.41 -40.19
N LYS A 415 11.05 4.75 -39.46
CA LYS A 415 10.29 3.83 -38.62
C LYS A 415 11.07 3.28 -37.44
N THR A 416 12.21 3.88 -37.08
CA THR A 416 12.97 3.38 -35.95
C THR A 416 12.95 4.35 -34.79
N ILE A 417 13.33 3.83 -33.62
CA ILE A 417 13.53 4.61 -32.41
C ILE A 417 15.01 4.54 -32.09
N LYS A 418 15.57 5.66 -31.64
CA LYS A 418 16.98 5.67 -31.28
C LYS A 418 17.16 6.12 -29.84
N LEU A 419 18.08 5.45 -29.15
CA LEU A 419 18.46 5.74 -27.77
C LEU A 419 19.85 6.36 -27.74
N TRP A 420 19.95 7.57 -27.17
CA TRP A 420 21.20 8.33 -27.10
C TRP A 420 21.56 8.59 -25.65
N LYS A 421 22.85 8.46 -25.33
CA LYS A 421 23.30 8.64 -23.95
C LYS A 421 24.39 9.70 -23.89
N SER A 422 24.34 10.50 -22.83
CA SER A 422 25.26 11.61 -22.60
C SER A 422 25.97 11.39 -21.28
N ASP A 423 27.18 11.93 -21.18
CA ASP A 423 27.95 11.84 -19.94
C ASP A 423 27.58 12.93 -18.95
N CYS A 424 26.80 13.93 -19.36
CA CYS A 424 26.38 15.02 -18.48
C CYS A 424 25.04 15.60 -18.95
N PRO B 123 -2.95 -7.10 2.38
CA PRO B 123 -3.14 -8.55 2.40
C PRO B 123 -2.41 -9.23 1.25
N ASN B 124 -2.28 -10.56 1.33
CA ASN B 124 -1.60 -11.34 0.30
C ASN B 124 -2.42 -12.58 -0.01
N TYR B 125 -3.73 -12.39 -0.18
CA TYR B 125 -4.59 -13.50 -0.53
C TYR B 125 -4.07 -14.23 -1.76
N ALA B 126 -3.94 -15.54 -1.63
CA ALA B 126 -3.45 -16.41 -2.69
C ALA B 126 -4.40 -17.58 -2.84
N LEU B 127 -4.52 -18.06 -4.08
CA LEU B 127 -5.45 -19.13 -4.42
C LEU B 127 -4.98 -20.44 -3.81
N LYS B 128 -5.85 -21.08 -3.02
CA LYS B 128 -5.52 -22.36 -2.42
C LYS B 128 -6.31 -23.51 -3.00
N PHE B 129 -7.61 -23.34 -3.24
CA PHE B 129 -8.44 -24.43 -3.76
C PHE B 129 -9.46 -23.90 -4.75
N THR B 130 -9.72 -24.72 -5.77
CA THR B 130 -10.80 -24.46 -6.70
C THR B 130 -11.85 -25.55 -6.51
N LEU B 131 -13.09 -25.13 -6.35
CA LEU B 131 -14.18 -26.01 -5.94
C LEU B 131 -15.10 -26.18 -7.14
N ALA B 132 -15.00 -27.34 -7.78
CA ALA B 132 -15.74 -27.62 -8.99
C ALA B 132 -16.86 -28.61 -8.71
N GLY B 133 -17.96 -28.47 -9.45
CA GLY B 133 -19.06 -29.39 -9.29
C GLY B 133 -20.39 -28.87 -9.78
N HIS B 134 -20.63 -27.57 -9.62
CA HIS B 134 -21.85 -27.00 -10.16
C HIS B 134 -21.82 -27.04 -11.68
N THR B 135 -22.98 -27.23 -12.30
CA THR B 135 -23.06 -27.37 -13.74
C THR B 135 -23.68 -26.16 -14.43
N LYS B 136 -24.05 -25.13 -13.68
CA LYS B 136 -24.42 -23.83 -14.22
C LYS B 136 -23.77 -22.77 -13.33
N ALA B 137 -24.13 -21.51 -13.57
CA ALA B 137 -23.60 -20.41 -12.80
C ALA B 137 -23.76 -20.62 -11.30
N VAL B 138 -22.71 -20.29 -10.54
CA VAL B 138 -22.83 -20.18 -9.10
C VAL B 138 -23.44 -18.84 -8.79
N SER B 139 -24.34 -18.79 -7.80
CA SER B 139 -25.03 -17.56 -7.47
C SER B 139 -24.61 -16.95 -6.15
N SER B 140 -24.15 -17.75 -5.18
CA SER B 140 -23.90 -17.27 -3.83
C SER B 140 -23.00 -18.26 -3.11
N VAL B 141 -22.07 -17.74 -2.32
CA VAL B 141 -21.29 -18.55 -1.37
C VAL B 141 -21.36 -17.88 -0.01
N LYS B 142 -21.50 -18.69 1.05
CA LYS B 142 -21.60 -18.19 2.42
C LYS B 142 -20.86 -19.11 3.38
N PHE B 143 -20.05 -18.55 4.27
CA PHE B 143 -19.38 -19.35 5.29
C PHE B 143 -20.30 -19.58 6.48
N SER B 144 -20.26 -20.80 7.04
CA SER B 144 -21.05 -21.04 8.23
C SER B 144 -20.50 -20.21 9.39
N PRO B 145 -21.36 -19.78 10.32
CA PRO B 145 -20.87 -18.98 11.45
C PRO B 145 -19.84 -19.70 12.31
N ASN B 146 -19.87 -21.03 12.37
CA ASN B 146 -18.88 -21.74 13.17
C ASN B 146 -17.58 -21.97 12.41
N GLY B 147 -17.47 -21.46 11.18
CA GLY B 147 -16.24 -21.50 10.42
C GLY B 147 -15.94 -22.81 9.72
N GLU B 148 -16.78 -23.84 9.88
CA GLU B 148 -16.43 -25.17 9.40
C GLU B 148 -16.74 -25.36 7.92
N TRP B 149 -17.74 -24.64 7.40
CA TRP B 149 -18.30 -25.01 6.11
C TRP B 149 -18.47 -23.80 5.21
N LEU B 150 -18.56 -24.07 3.92
CA LEU B 150 -18.98 -23.12 2.92
C LEU B 150 -20.17 -23.71 2.19
N ALA B 151 -21.25 -22.93 2.08
CA ALA B 151 -22.40 -23.33 1.29
C ALA B 151 -22.40 -22.55 -0.01
N SER B 152 -22.72 -23.22 -1.11
CA SER B 152 -22.85 -22.56 -2.40
C SER B 152 -24.21 -22.89 -3.02
N SER B 153 -24.78 -21.93 -3.73
CA SER B 153 -26.00 -22.13 -4.50
C SER B 153 -25.73 -21.85 -5.97
N SER B 154 -26.59 -22.36 -6.85
CA SER B 154 -26.33 -22.31 -8.28
C SER B 154 -27.61 -22.33 -9.09
N ALA B 155 -27.50 -21.85 -10.32
CA ALA B 155 -28.58 -21.99 -11.29
C ALA B 155 -28.89 -23.44 -11.62
N ASP B 156 -28.02 -24.39 -11.23
CA ASP B 156 -28.27 -25.80 -11.47
C ASP B 156 -29.23 -26.42 -10.45
N LYS B 157 -29.88 -25.59 -9.64
CA LYS B 157 -30.91 -25.98 -8.67
C LYS B 157 -30.34 -26.63 -7.42
N LEU B 158 -29.02 -26.64 -7.26
CA LEU B 158 -28.38 -27.36 -6.17
C LEU B 158 -27.72 -26.41 -5.17
N ILE B 159 -27.70 -26.86 -3.91
CA ILE B 159 -26.80 -26.34 -2.89
C ILE B 159 -25.69 -27.36 -2.69
N LYS B 160 -24.45 -26.88 -2.55
CA LYS B 160 -23.35 -27.76 -2.23
C LYS B 160 -22.65 -27.25 -0.98
N ILE B 161 -22.23 -28.18 -0.13
CA ILE B 161 -21.50 -27.89 1.10
C ILE B 161 -20.06 -28.33 0.88
N TRP B 162 -19.12 -27.51 1.34
CA TRP B 162 -17.69 -27.74 1.16
C TRP B 162 -16.98 -27.43 2.48
N GLY B 163 -15.85 -28.08 2.70
CA GLY B 163 -15.02 -27.73 3.84
C GLY B 163 -14.48 -26.31 3.71
N ALA B 164 -14.63 -25.51 4.76
CA ALA B 164 -14.25 -24.10 4.66
C ALA B 164 -12.74 -23.88 4.60
N TYR B 165 -11.94 -24.83 5.09
CA TYR B 165 -10.50 -24.66 5.14
C TYR B 165 -9.76 -25.42 4.05
N ASP B 166 -10.37 -26.47 3.48
CA ASP B 166 -9.69 -27.25 2.46
C ASP B 166 -10.49 -27.38 1.18
N GLY B 167 -11.68 -26.79 1.10
CA GLY B 167 -12.51 -26.87 -0.07
C GLY B 167 -13.05 -28.25 -0.38
N LYS B 168 -12.89 -29.21 0.53
CA LYS B 168 -13.31 -30.57 0.27
C LYS B 168 -14.82 -30.65 0.14
N PHE B 169 -15.29 -31.17 -0.99
CA PHE B 169 -16.72 -31.40 -1.17
C PHE B 169 -17.28 -32.28 -0.07
N GLU B 170 -18.33 -31.78 0.58
CA GLU B 170 -19.02 -32.53 1.63
C GLU B 170 -20.31 -33.16 1.14
N LYS B 171 -21.20 -32.40 0.50
CA LYS B 171 -22.48 -32.98 0.10
C LYS B 171 -23.23 -32.03 -0.83
N THR B 172 -24.20 -32.60 -1.53
CA THR B 172 -25.13 -31.86 -2.37
C THR B 172 -26.51 -31.90 -1.74
N ILE B 173 -27.17 -30.74 -1.69
CA ILE B 173 -28.52 -30.63 -1.16
C ILE B 173 -29.43 -30.23 -2.30
N SER B 174 -30.46 -31.03 -2.58
CA SER B 174 -31.32 -30.81 -3.74
C SER B 174 -32.78 -30.83 -3.32
N GLY B 175 -33.63 -30.26 -4.18
CA GLY B 175 -35.04 -30.22 -3.93
C GLY B 175 -35.73 -29.07 -4.64
N HIS B 176 -35.04 -27.94 -4.80
CA HIS B 176 -35.65 -26.84 -5.52
C HIS B 176 -35.90 -27.26 -6.97
N LYS B 177 -36.96 -26.69 -7.55
CA LYS B 177 -37.38 -27.04 -8.90
C LYS B 177 -36.79 -26.13 -9.96
N LEU B 178 -36.27 -24.97 -9.57
CA LEU B 178 -35.59 -24.07 -10.48
C LEU B 178 -34.33 -23.56 -9.79
N GLY B 179 -33.57 -22.71 -10.50
CA GLY B 179 -32.30 -22.24 -9.97
C GLY B 179 -32.44 -21.54 -8.63
N ILE B 180 -31.32 -21.51 -7.91
CA ILE B 180 -31.23 -20.89 -6.59
C ILE B 180 -30.36 -19.65 -6.71
N SER B 181 -30.85 -18.52 -6.20
CA SER B 181 -30.10 -17.27 -6.20
C SER B 181 -29.28 -17.05 -4.95
N ASP B 182 -29.72 -17.57 -3.80
CA ASP B 182 -29.09 -17.17 -2.55
C ASP B 182 -29.26 -18.29 -1.52
N VAL B 183 -28.29 -18.38 -0.60
CA VAL B 183 -28.37 -19.23 0.58
C VAL B 183 -27.86 -18.46 1.79
N ALA B 184 -28.32 -18.85 2.98
CA ALA B 184 -27.84 -18.22 4.21
C ALA B 184 -27.93 -19.19 5.38
N TRP B 185 -26.96 -19.07 6.31
CA TRP B 185 -26.82 -19.94 7.48
C TRP B 185 -27.58 -19.41 8.69
N SER B 186 -28.12 -20.33 9.49
CA SER B 186 -28.58 -19.95 10.81
C SER B 186 -27.39 -19.71 11.73
N SER B 187 -27.64 -19.04 12.86
CA SER B 187 -26.56 -18.65 13.75
C SER B 187 -25.84 -19.86 14.34
N ASP B 188 -26.53 -20.98 14.53
CA ASP B 188 -25.90 -22.17 15.09
C ASP B 188 -25.29 -23.07 14.04
N SER B 189 -25.25 -22.63 12.78
CA SER B 189 -24.67 -23.35 11.64
C SER B 189 -25.39 -24.65 11.32
N ASN B 190 -26.56 -24.88 11.92
CA ASN B 190 -27.29 -26.13 11.71
C ASN B 190 -28.30 -26.04 10.58
N LEU B 191 -28.81 -24.85 10.26
CA LEU B 191 -29.81 -24.66 9.21
C LEU B 191 -29.25 -23.83 8.07
N LEU B 192 -29.79 -24.06 6.88
CA LEU B 192 -29.60 -23.20 5.72
C LEU B 192 -30.96 -22.81 5.20
N VAL B 193 -31.07 -21.59 4.69
CA VAL B 193 -32.24 -21.19 3.91
C VAL B 193 -31.77 -20.84 2.51
N SER B 194 -32.56 -21.21 1.52
CA SER B 194 -32.26 -20.95 0.12
C SER B 194 -33.42 -20.19 -0.51
N ALA B 195 -33.09 -19.35 -1.48
CA ALA B 195 -34.07 -18.55 -2.22
C ALA B 195 -34.00 -18.96 -3.69
N SER B 196 -35.15 -19.28 -4.28
CA SER B 196 -35.18 -19.95 -5.58
C SER B 196 -36.10 -19.26 -6.59
N ASP B 197 -35.78 -19.44 -7.87
CA ASP B 197 -36.67 -19.03 -8.94
C ASP B 197 -37.99 -19.78 -8.92
N ASP B 198 -38.09 -20.89 -8.19
CA ASP B 198 -39.36 -21.58 -8.10
C ASP B 198 -40.35 -20.86 -7.17
N LYS B 199 -40.01 -19.64 -6.74
CA LYS B 199 -40.84 -18.73 -5.94
C LYS B 199 -40.91 -19.13 -4.47
N THR B 200 -40.14 -20.13 -4.05
CA THR B 200 -40.13 -20.54 -2.66
C THR B 200 -38.77 -20.30 -2.04
N LEU B 201 -38.75 -20.28 -0.72
CA LEU B 201 -37.54 -20.49 0.04
C LEU B 201 -37.65 -21.86 0.69
N LYS B 202 -36.50 -22.49 0.95
CA LYS B 202 -36.49 -23.76 1.64
C LYS B 202 -35.53 -23.68 2.82
N ILE B 203 -35.95 -24.25 3.95
CA ILE B 203 -35.10 -24.37 5.13
C ILE B 203 -34.59 -25.80 5.17
N TRP B 204 -33.28 -25.94 5.33
CA TRP B 204 -32.60 -27.22 5.22
C TRP B 204 -31.90 -27.57 6.52
N ASP B 205 -31.98 -28.84 6.92
CA ASP B 205 -31.09 -29.38 7.95
C ASP B 205 -29.80 -29.80 7.27
N VAL B 206 -28.71 -29.09 7.55
CA VAL B 206 -27.50 -29.28 6.77
C VAL B 206 -26.87 -30.65 7.05
N SER B 207 -27.01 -31.14 8.27
CA SER B 207 -26.41 -32.43 8.60
C SER B 207 -27.10 -33.57 7.86
N SER B 208 -28.42 -33.49 7.69
CA SER B 208 -29.16 -34.54 6.99
C SER B 208 -29.42 -34.22 5.52
N GLY B 209 -29.28 -32.97 5.12
CA GLY B 209 -29.66 -32.56 3.78
C GLY B 209 -31.15 -32.46 3.53
N LYS B 210 -31.97 -32.67 4.57
CA LYS B 210 -33.42 -32.72 4.40
C LYS B 210 -34.02 -31.33 4.36
N CYS B 211 -35.01 -31.15 3.49
CA CYS B 211 -35.84 -29.95 3.49
C CYS B 211 -36.80 -30.01 4.67
N LEU B 212 -36.63 -29.08 5.61
CA LEU B 212 -37.49 -29.03 6.80
C LEU B 212 -38.80 -28.30 6.52
N LYS B 213 -38.72 -27.21 5.76
CA LYS B 213 -39.86 -26.35 5.48
C LYS B 213 -39.70 -25.73 4.11
N THR B 214 -40.83 -25.50 3.46
CA THR B 214 -40.89 -24.72 2.23
C THR B 214 -41.73 -23.48 2.51
N LEU B 215 -41.14 -22.31 2.29
CA LEU B 215 -41.78 -21.04 2.58
C LEU B 215 -42.43 -20.52 1.30
N LYS B 216 -43.76 -20.56 1.27
CA LYS B 216 -44.56 -20.21 0.11
C LYS B 216 -45.26 -18.87 0.35
N GLY B 217 -45.22 -18.00 -0.66
CA GLY B 217 -45.91 -16.73 -0.55
C GLY B 217 -45.51 -15.74 -1.65
N HIS B 218 -44.23 -15.71 -1.98
CA HIS B 218 -43.80 -14.83 -3.06
C HIS B 218 -44.46 -15.24 -4.37
N SER B 219 -44.71 -14.25 -5.22
CA SER B 219 -45.37 -14.46 -6.49
C SER B 219 -44.41 -14.44 -7.67
N ASN B 220 -43.12 -14.36 -7.41
CA ASN B 220 -42.10 -14.33 -8.46
C ASN B 220 -40.80 -14.83 -7.82
N TYR B 221 -39.73 -14.89 -8.63
CA TYR B 221 -38.45 -15.39 -8.14
C TYR B 221 -38.10 -14.79 -6.79
N VAL B 222 -37.60 -15.63 -5.87
CA VAL B 222 -36.99 -15.13 -4.63
C VAL B 222 -35.51 -14.98 -4.89
N PHE B 223 -34.99 -13.77 -4.65
CA PHE B 223 -33.63 -13.43 -5.04
C PHE B 223 -32.63 -13.41 -3.89
N CYS B 224 -33.08 -13.09 -2.67
CA CYS B 224 -32.15 -12.91 -1.56
C CYS B 224 -32.82 -13.33 -0.27
N CYS B 225 -31.99 -13.73 0.71
CA CYS B 225 -32.52 -14.19 1.98
C CYS B 225 -31.47 -14.07 3.07
N ASN B 226 -31.92 -14.10 4.32
CA ASN B 226 -31.06 -14.08 5.51
C ASN B 226 -31.87 -14.46 6.72
N PHE B 227 -31.22 -15.15 7.66
CA PHE B 227 -31.73 -15.29 9.02
C PHE B 227 -31.43 -14.03 9.82
N ASN B 228 -32.23 -13.78 10.86
CA ASN B 228 -31.81 -12.77 11.83
C ASN B 228 -30.83 -13.41 12.81
N PRO B 229 -30.14 -12.63 13.62
CA PRO B 229 -29.12 -13.23 14.51
C PRO B 229 -29.66 -14.27 15.48
N GLN B 230 -30.83 -14.04 16.08
CA GLN B 230 -31.39 -15.10 16.93
C GLN B 230 -31.88 -16.29 16.11
N SER B 231 -32.10 -16.09 14.79
CA SER B 231 -32.46 -17.14 13.83
C SER B 231 -33.84 -17.73 14.09
N ASN B 232 -34.70 -16.94 14.71
CA ASN B 232 -36.12 -17.25 14.74
C ASN B 232 -36.85 -16.66 13.54
N LEU B 233 -36.20 -15.79 12.76
CA LEU B 233 -36.81 -15.15 11.61
C LEU B 233 -35.94 -15.32 10.37
N ILE B 234 -36.59 -15.31 9.21
CA ILE B 234 -35.93 -15.21 7.92
C ILE B 234 -36.53 -14.03 7.18
N VAL B 235 -35.69 -13.27 6.49
CA VAL B 235 -36.14 -12.19 5.62
C VAL B 235 -35.81 -12.56 4.18
N SER B 236 -36.71 -12.22 3.27
CA SER B 236 -36.54 -12.57 1.87
C SER B 236 -36.90 -11.38 0.99
N GLY B 237 -36.26 -11.30 -0.17
CA GLY B 237 -36.58 -10.29 -1.16
C GLY B 237 -36.80 -10.97 -2.50
N SER B 238 -37.70 -10.38 -3.29
CA SER B 238 -38.21 -11.09 -4.46
C SER B 238 -38.35 -10.15 -5.65
N PHE B 239 -38.37 -10.75 -6.84
CA PHE B 239 -38.73 -10.04 -8.05
C PHE B 239 -40.16 -9.53 -8.00
N ASP B 240 -40.98 -10.00 -7.06
CA ASP B 240 -42.33 -9.47 -6.89
C ASP B 240 -42.36 -8.14 -6.18
N GLU B 241 -41.18 -7.59 -5.84
CA GLU B 241 -40.96 -6.23 -5.31
C GLU B 241 -41.27 -6.15 -3.81
N SER B 242 -41.58 -7.28 -3.17
CA SER B 242 -41.84 -7.31 -1.74
C SER B 242 -40.64 -7.85 -0.97
N VAL B 243 -40.61 -7.49 0.31
CA VAL B 243 -39.77 -8.10 1.32
C VAL B 243 -40.70 -8.86 2.25
N ARG B 244 -40.39 -10.13 2.53
CA ARG B 244 -41.22 -10.91 3.45
C ARG B 244 -40.40 -11.31 4.68
N ILE B 245 -41.09 -11.38 5.83
CA ILE B 245 -40.51 -11.79 7.10
C ILE B 245 -41.21 -13.07 7.52
N TRP B 246 -40.42 -14.11 7.80
CA TRP B 246 -40.93 -15.45 8.00
C TRP B 246 -40.56 -15.93 9.39
N ASP B 247 -41.47 -16.68 10.01
CA ASP B 247 -41.17 -17.35 11.26
C ASP B 247 -40.52 -18.70 10.93
N VAL B 248 -39.29 -18.89 11.41
CA VAL B 248 -38.54 -20.11 11.13
C VAL B 248 -39.25 -21.34 11.69
N LYS B 249 -39.87 -21.20 12.86
CA LYS B 249 -40.39 -22.38 13.54
C LYS B 249 -41.72 -22.85 12.97
N THR B 250 -42.60 -21.91 12.61
CA THR B 250 -43.87 -22.28 12.02
C THR B 250 -43.83 -22.35 10.50
N GLY B 251 -42.80 -21.80 9.86
CA GLY B 251 -42.74 -21.74 8.42
C GLY B 251 -43.73 -20.80 7.78
N LYS B 252 -44.36 -19.93 8.55
CA LYS B 252 -45.39 -19.03 8.06
C LYS B 252 -44.80 -17.65 7.79
N CYS B 253 -45.40 -16.93 6.85
CA CYS B 253 -45.03 -15.55 6.59
C CYS B 253 -45.67 -14.66 7.65
N LEU B 254 -44.84 -13.93 8.39
CA LEU B 254 -45.34 -13.02 9.42
C LEU B 254 -45.77 -11.68 8.84
N LYS B 255 -44.99 -11.13 7.91
CA LYS B 255 -45.30 -9.84 7.32
C LYS B 255 -44.86 -9.81 5.87
N THR B 256 -45.64 -9.13 5.03
CA THR B 256 -45.25 -8.83 3.67
C THR B 256 -45.14 -7.32 3.55
N LEU B 257 -43.96 -6.85 3.24
CA LEU B 257 -43.69 -5.41 3.15
C LEU B 257 -43.72 -4.98 1.70
N PRO B 258 -44.50 -3.97 1.33
CA PRO B 258 -44.46 -3.46 -0.06
C PRO B 258 -43.25 -2.56 -0.23
N ALA B 259 -42.08 -3.19 -0.23
CA ALA B 259 -40.84 -2.50 0.06
C ALA B 259 -40.36 -1.63 -1.08
N HIS B 260 -40.60 -2.04 -2.31
CA HIS B 260 -39.94 -1.43 -3.46
C HIS B 260 -40.85 -1.50 -4.67
N SER B 261 -40.43 -0.84 -5.75
CA SER B 261 -41.21 -0.78 -6.97
C SER B 261 -40.48 -1.45 -8.13
N ASP B 262 -39.48 -2.28 -7.82
CA ASP B 262 -38.75 -3.11 -8.75
C ASP B 262 -38.18 -4.27 -7.96
N PRO B 263 -37.54 -5.25 -8.62
CA PRO B 263 -37.04 -6.40 -7.86
C PRO B 263 -36.09 -6.00 -6.73
N VAL B 264 -36.20 -6.76 -5.63
CA VAL B 264 -35.42 -6.54 -4.43
C VAL B 264 -34.09 -7.28 -4.57
N SER B 265 -32.97 -6.54 -4.50
CA SER B 265 -31.67 -7.11 -4.78
C SER B 265 -30.93 -7.62 -3.55
N ALA B 266 -31.27 -7.14 -2.35
CA ALA B 266 -30.61 -7.61 -1.15
C ALA B 266 -31.51 -7.34 0.05
N VAL B 267 -31.38 -8.19 1.08
CA VAL B 267 -32.03 -8.00 2.38
C VAL B 267 -31.06 -8.46 3.47
N HIS B 268 -30.98 -7.70 4.57
CA HIS B 268 -29.99 -8.04 5.59
C HIS B 268 -30.43 -7.49 6.94
N PHE B 269 -30.38 -8.33 7.98
CA PHE B 269 -30.69 -7.91 9.34
C PHE B 269 -29.48 -7.23 9.99
N ASN B 270 -29.75 -6.32 10.94
CA ASN B 270 -28.69 -5.78 11.77
C ASN B 270 -28.41 -6.73 12.94
N ARG B 271 -27.52 -6.32 13.85
CA ARG B 271 -26.92 -7.29 14.77
C ARG B 271 -27.85 -7.74 15.88
N ASP B 272 -28.89 -6.99 16.20
CA ASP B 272 -29.90 -7.49 17.13
C ASP B 272 -31.20 -7.82 16.43
N GLY B 273 -31.20 -7.81 15.09
CA GLY B 273 -32.38 -8.18 14.32
C GLY B 273 -33.51 -7.18 14.35
N SER B 274 -33.30 -6.00 14.93
CA SER B 274 -34.39 -5.03 14.98
C SER B 274 -34.55 -4.23 13.71
N LEU B 275 -33.57 -4.28 12.79
CA LEU B 275 -33.64 -3.54 11.53
C LEU B 275 -33.37 -4.48 10.37
N ILE B 276 -34.07 -4.23 9.26
CA ILE B 276 -33.77 -4.84 7.97
C ILE B 276 -33.37 -3.75 7.01
N VAL B 277 -32.27 -3.95 6.28
CA VAL B 277 -31.95 -3.08 5.16
C VAL B 277 -32.29 -3.81 3.87
N SER B 278 -32.91 -3.11 2.92
CA SER B 278 -33.29 -3.66 1.64
C SER B 278 -32.82 -2.72 0.53
N SER B 279 -32.61 -3.27 -0.66
CA SER B 279 -32.17 -2.50 -1.81
C SER B 279 -32.89 -3.01 -3.04
N SER B 280 -32.98 -2.16 -4.05
CA SER B 280 -33.81 -2.54 -5.19
C SER B 280 -33.31 -1.87 -6.46
N TYR B 281 -33.62 -2.50 -7.60
CA TYR B 281 -33.43 -1.88 -8.90
C TYR B 281 -34.19 -0.57 -9.04
N ASP B 282 -35.14 -0.28 -8.14
CA ASP B 282 -35.82 1.01 -8.21
C ASP B 282 -34.93 2.16 -7.79
N GLY B 283 -33.71 1.89 -7.33
CA GLY B 283 -32.77 2.94 -6.97
C GLY B 283 -32.73 3.26 -5.49
N LEU B 284 -33.52 2.58 -4.68
CA LEU B 284 -33.68 2.93 -3.28
C LEU B 284 -32.97 1.95 -2.36
N CYS B 285 -32.55 2.47 -1.22
CA CYS B 285 -32.19 1.67 -0.07
CA CYS B 285 -32.17 1.69 -0.05
C CYS B 285 -33.12 2.07 1.07
N ARG B 286 -33.75 1.08 1.69
CA ARG B 286 -34.67 1.36 2.79
C ARG B 286 -34.28 0.56 4.02
N ILE B 287 -34.55 1.16 5.18
CA ILE B 287 -34.36 0.52 6.47
C ILE B 287 -35.72 0.30 7.09
N TRP B 288 -35.99 -0.93 7.50
CA TRP B 288 -37.27 -1.34 8.04
C TRP B 288 -37.12 -1.72 9.50
N ASP B 289 -38.14 -1.38 10.28
CA ASP B 289 -38.29 -1.88 11.64
C ASP B 289 -38.86 -3.29 11.59
N THR B 290 -38.08 -4.25 12.09
CA THR B 290 -38.47 -5.66 11.96
C THR B 290 -39.79 -5.95 12.66
N ALA B 291 -39.95 -5.45 13.88
CA ALA B 291 -41.11 -5.82 14.69
C ALA B 291 -42.42 -5.31 14.07
N SER B 292 -42.40 -4.13 13.45
CA SER B 292 -43.62 -3.54 12.91
C SER B 292 -43.71 -3.64 11.39
N GLY B 293 -42.62 -3.92 10.70
CA GLY B 293 -42.58 -3.87 9.25
C GLY B 293 -42.61 -2.48 8.66
N GLN B 294 -42.57 -1.44 9.48
CA GLN B 294 -42.70 -0.08 8.98
C GLN B 294 -41.35 0.49 8.58
N CYS B 295 -41.37 1.35 7.58
CA CYS B 295 -40.13 1.94 7.08
C CYS B 295 -39.62 3.01 8.04
N LEU B 296 -38.35 2.89 8.43
CA LEU B 296 -37.69 3.87 9.29
C LEU B 296 -36.95 4.94 8.51
N LYS B 297 -36.42 4.61 7.33
CA LYS B 297 -35.57 5.55 6.60
C LYS B 297 -35.40 5.08 5.17
N THR B 298 -35.42 6.03 4.24
CA THR B 298 -35.07 5.78 2.85
C THR B 298 -33.75 6.45 2.51
N PRO B 305 -29.21 5.21 -10.04
CA PRO B 305 -29.04 3.87 -10.60
C PRO B 305 -29.56 2.78 -9.67
N PRO B 306 -29.82 1.59 -10.22
CA PRO B 306 -30.18 0.45 -9.37
C PRO B 306 -29.22 0.27 -8.22
N VAL B 307 -29.76 -0.02 -7.04
CA VAL B 307 -28.96 -0.43 -5.90
C VAL B 307 -28.95 -1.95 -5.91
N SER B 308 -27.80 -2.53 -6.21
CA SER B 308 -27.68 -3.94 -6.53
C SER B 308 -27.28 -4.80 -5.33
N PHE B 309 -26.96 -4.18 -4.20
CA PHE B 309 -26.53 -4.90 -3.01
C PHE B 309 -26.44 -3.93 -1.83
N VAL B 310 -26.85 -4.40 -0.65
CA VAL B 310 -26.69 -3.68 0.61
C VAL B 310 -26.45 -4.69 1.72
N LYS B 311 -25.71 -4.28 2.75
CA LYS B 311 -25.62 -5.06 3.97
C LYS B 311 -25.08 -4.17 5.10
N PHE B 312 -25.49 -4.49 6.33
CA PHE B 312 -24.97 -3.81 7.50
C PHE B 312 -23.52 -4.18 7.74
N SER B 313 -22.76 -3.26 8.33
CA SER B 313 -21.41 -3.55 8.77
C SER B 313 -21.42 -4.45 10.01
N PRO B 314 -20.30 -5.11 10.32
CA PRO B 314 -20.29 -6.00 11.49
C PRO B 314 -20.71 -5.33 12.78
N ASN B 315 -20.34 -4.06 13.01
CA ASN B 315 -20.77 -3.36 14.22
C ASN B 315 -22.13 -2.68 14.07
N GLY B 316 -22.81 -2.87 12.93
CA GLY B 316 -24.15 -2.37 12.72
C GLY B 316 -24.26 -0.88 12.47
N LYS B 317 -23.15 -0.15 12.50
CA LYS B 317 -23.18 1.30 12.39
C LYS B 317 -23.35 1.77 10.95
N TYR B 318 -22.86 1.00 9.97
CA TYR B 318 -22.80 1.45 8.60
C TYR B 318 -23.52 0.49 7.68
N ILE B 319 -23.81 0.96 6.49
CA ILE B 319 -24.35 0.13 5.42
C ILE B 319 -23.43 0.26 4.22
N LEU B 320 -23.00 -0.89 3.70
CA LEU B 320 -22.27 -0.94 2.44
C LEU B 320 -23.28 -1.16 1.32
N ALA B 321 -23.24 -0.30 0.29
CA ALA B 321 -24.23 -0.34 -0.78
C ALA B 321 -23.54 -0.29 -2.15
N ALA B 322 -23.96 -1.18 -3.04
CA ALA B 322 -23.47 -1.17 -4.42
C ALA B 322 -24.54 -0.61 -5.35
N THR B 323 -24.11 0.15 -6.36
CA THR B 323 -24.99 0.62 -7.41
C THR B 323 -24.39 0.24 -8.75
N LEU B 324 -25.26 0.08 -9.76
CA LEU B 324 -24.83 -0.38 -11.09
C LEU B 324 -24.20 0.70 -11.93
N ASP B 325 -23.43 1.57 -11.28
CA ASP B 325 -22.56 2.55 -11.91
C ASP B 325 -21.12 2.33 -11.44
N ASN B 326 -20.76 1.07 -11.22
CA ASN B 326 -19.40 0.67 -10.86
C ASN B 326 -18.95 1.28 -9.53
N THR B 327 -19.87 1.38 -8.57
CA THR B 327 -19.59 2.13 -7.37
C THR B 327 -20.09 1.40 -6.14
N LEU B 328 -19.23 1.31 -5.12
CA LEU B 328 -19.59 0.90 -3.77
C LEU B 328 -19.52 2.12 -2.87
N LYS B 329 -20.44 2.22 -1.92
CA LYS B 329 -20.44 3.33 -0.99
C LYS B 329 -20.68 2.84 0.44
N LEU B 330 -19.94 3.42 1.39
CA LEU B 330 -20.12 3.15 2.80
C LEU B 330 -20.94 4.29 3.40
N TRP B 331 -22.08 3.95 3.98
CA TRP B 331 -23.03 4.94 4.48
C TRP B 331 -23.09 4.90 6.00
N ASP B 332 -23.04 6.07 6.63
CA ASP B 332 -23.42 6.20 8.03
C ASP B 332 -24.94 6.21 8.09
N TYR B 333 -25.52 5.10 8.54
CA TYR B 333 -26.98 4.96 8.46
C TYR B 333 -27.69 5.92 9.42
N SER B 334 -27.13 6.10 10.62
CA SER B 334 -27.75 7.00 11.60
C SER B 334 -27.72 8.44 11.09
N LYS B 335 -26.66 8.83 10.40
CA LYS B 335 -26.55 10.17 9.85
C LYS B 335 -27.10 10.28 8.43
N GLY B 336 -27.25 9.17 7.72
CA GLY B 336 -27.70 9.21 6.34
C GLY B 336 -26.72 9.87 5.40
N LYS B 337 -25.41 9.75 5.68
CA LYS B 337 -24.38 10.40 4.88
C LYS B 337 -23.40 9.37 4.35
N CYS B 338 -22.94 9.59 3.11
CA CYS B 338 -21.93 8.71 2.52
C CYS B 338 -20.56 9.08 3.06
N LEU B 339 -19.87 8.10 3.64
CA LEU B 339 -18.56 8.30 4.24
C LEU B 339 -17.41 7.91 3.33
N LYS B 340 -17.57 6.87 2.51
CA LYS B 340 -16.51 6.37 1.64
C LYS B 340 -17.11 5.89 0.33
N THR B 341 -16.33 6.01 -0.75
CA THR B 341 -16.71 5.54 -2.06
C THR B 341 -15.57 4.70 -2.63
N TYR B 342 -15.90 3.51 -3.15
CA TYR B 342 -14.92 2.58 -3.68
C TYR B 342 -15.22 2.31 -5.14
N THR B 343 -14.20 2.48 -5.99
CA THR B 343 -14.34 2.27 -7.43
C THR B 343 -13.10 1.55 -7.95
N GLY B 344 -13.15 1.19 -9.24
CA GLY B 344 -12.09 0.46 -9.90
C GLY B 344 -12.55 -0.90 -10.41
N HIS B 345 -13.57 -1.47 -9.79
CA HIS B 345 -14.19 -2.70 -10.26
C HIS B 345 -15.21 -2.38 -11.36
N LYS B 346 -15.74 -3.42 -11.98
CA LYS B 346 -16.75 -3.27 -13.02
C LYS B 346 -18.07 -3.82 -12.50
N ASN B 347 -19.11 -2.98 -12.50
CA ASN B 347 -20.41 -3.42 -12.00
C ASN B 347 -21.51 -2.53 -12.60
N GLU B 348 -22.02 -2.98 -13.75
CA GLU B 348 -23.12 -2.31 -14.43
C GLU B 348 -24.29 -3.22 -14.73
N LYS B 349 -24.18 -4.51 -14.46
CA LYS B 349 -25.19 -5.45 -14.91
C LYS B 349 -25.70 -6.36 -13.80
N TYR B 350 -24.81 -6.87 -12.95
CA TYR B 350 -25.18 -7.93 -12.02
C TYR B 350 -25.18 -7.43 -10.58
N CYS B 351 -26.01 -8.08 -9.77
CA CYS B 351 -26.03 -7.84 -8.33
C CYS B 351 -24.92 -8.66 -7.71
N ILE B 352 -23.82 -7.98 -7.38
CA ILE B 352 -22.61 -8.64 -6.89
C ILE B 352 -22.52 -8.43 -5.39
N PHE B 353 -22.31 -9.52 -4.66
CA PHE B 353 -22.13 -9.46 -3.21
C PHE B 353 -20.86 -8.69 -2.89
N ALA B 354 -20.89 -7.97 -1.78
CA ALA B 354 -19.70 -7.30 -1.26
C ALA B 354 -19.60 -7.59 0.23
N ASN B 355 -18.41 -7.40 0.79
CA ASN B 355 -18.20 -7.79 2.18
C ASN B 355 -17.31 -6.80 2.91
N PHE B 356 -17.49 -6.75 4.22
CA PHE B 356 -16.47 -6.25 5.14
C PHE B 356 -15.57 -7.41 5.54
N SER B 357 -14.27 -7.24 5.41
CA SER B 357 -13.31 -8.21 5.93
C SER B 357 -12.73 -7.65 7.22
N VAL B 358 -12.87 -8.41 8.33
CA VAL B 358 -12.60 -7.87 9.66
C VAL B 358 -11.68 -8.77 10.48
N THR B 359 -11.40 -9.97 9.98
CA THR B 359 -10.53 -10.88 10.73
C THR B 359 -9.08 -10.38 10.80
N GLY B 360 -8.63 -9.65 9.77
CA GLY B 360 -7.31 -9.07 9.77
C GLY B 360 -7.36 -7.58 9.51
N GLY B 361 -6.69 -7.13 8.44
CA GLY B 361 -6.83 -5.75 8.03
C GLY B 361 -8.26 -5.46 7.60
N LYS B 362 -8.67 -4.21 7.77
CA LYS B 362 -10.08 -3.85 7.59
C LYS B 362 -10.30 -3.49 6.13
N TRP B 363 -10.86 -4.44 5.37
CA TRP B 363 -11.00 -4.30 3.93
C TRP B 363 -12.47 -4.26 3.53
N ILE B 364 -12.70 -3.80 2.31
CA ILE B 364 -13.92 -4.04 1.56
C ILE B 364 -13.58 -5.03 0.44
N VAL B 365 -14.44 -6.03 0.27
CA VAL B 365 -14.23 -7.09 -0.72
C VAL B 365 -15.46 -7.17 -1.62
N SER B 366 -15.22 -7.26 -2.92
CA SER B 366 -16.31 -7.39 -3.88
C SER B 366 -15.88 -8.20 -5.10
N GLY B 367 -16.83 -8.89 -5.70
CA GLY B 367 -16.66 -9.40 -7.04
C GLY B 367 -16.73 -8.27 -8.05
N SER B 368 -16.67 -8.66 -9.32
CA SER B 368 -16.55 -7.69 -10.40
C SER B 368 -16.83 -8.38 -11.73
N GLU B 369 -17.32 -7.59 -12.68
CA GLU B 369 -17.66 -8.11 -14.01
C GLU B 369 -16.46 -8.25 -14.92
N ASP B 370 -15.26 -7.89 -14.45
CA ASP B 370 -14.01 -8.17 -15.15
C ASP B 370 -13.31 -9.41 -14.59
N ASN B 371 -14.03 -10.26 -13.87
CA ASN B 371 -13.58 -11.57 -13.43
C ASN B 371 -12.59 -11.53 -12.28
N LEU B 372 -12.46 -10.40 -11.60
CA LEU B 372 -11.53 -10.26 -10.50
C LEU B 372 -12.27 -10.07 -9.18
N VAL B 373 -11.59 -10.45 -8.09
CA VAL B 373 -11.99 -10.07 -6.74
C VAL B 373 -11.24 -8.80 -6.38
N TYR B 374 -11.97 -7.75 -5.99
CA TYR B 374 -11.37 -6.49 -5.58
C TYR B 374 -11.35 -6.38 -4.06
N ILE B 375 -10.23 -5.88 -3.54
CA ILE B 375 -10.04 -5.65 -2.11
C ILE B 375 -9.56 -4.23 -1.94
N TRP B 376 -10.33 -3.42 -1.22
CA TRP B 376 -9.98 -2.04 -0.91
C TRP B 376 -9.64 -1.90 0.57
N ASN B 377 -8.70 -1.01 0.87
CA ASN B 377 -8.56 -0.51 2.23
C ASN B 377 -9.80 0.32 2.58
N LEU B 378 -10.48 -0.06 3.67
CA LEU B 378 -11.76 0.59 3.99
C LEU B 378 -11.59 2.08 4.20
N GLN B 379 -10.52 2.49 4.89
CA GLN B 379 -10.34 3.89 5.25
C GLN B 379 -9.80 4.72 4.09
N THR B 380 -8.76 4.24 3.39
CA THR B 380 -8.14 5.05 2.34
C THR B 380 -8.85 4.92 1.00
N LYS B 381 -9.69 3.90 0.84
CA LYS B 381 -10.39 3.58 -0.40
C LYS B 381 -9.46 3.12 -1.52
N GLU B 382 -8.18 2.91 -1.22
CA GLU B 382 -7.22 2.41 -2.20
C GLU B 382 -7.43 0.92 -2.42
N ILE B 383 -7.33 0.49 -3.67
CA ILE B 383 -7.31 -0.94 -3.98
C ILE B 383 -6.00 -1.54 -3.48
N VAL B 384 -6.10 -2.56 -2.61
CA VAL B 384 -4.91 -3.20 -2.04
C VAL B 384 -4.60 -4.54 -2.70
N GLN B 385 -5.56 -5.15 -3.38
CA GLN B 385 -5.32 -6.43 -4.03
C GLN B 385 -6.44 -6.69 -5.03
N LYS B 386 -6.07 -7.33 -6.14
CA LYS B 386 -7.02 -7.88 -7.10
C LYS B 386 -6.69 -9.35 -7.29
N LEU B 387 -7.68 -10.21 -7.09
CA LEU B 387 -7.47 -11.66 -7.13
C LEU B 387 -7.88 -12.18 -8.50
N GLN B 388 -6.90 -12.70 -9.25
CA GLN B 388 -7.09 -13.16 -10.61
C GLN B 388 -7.18 -14.68 -10.65
N GLY B 389 -8.11 -15.19 -11.46
CA GLY B 389 -8.21 -16.62 -11.64
C GLY B 389 -9.51 -17.05 -12.26
N HIS B 390 -10.61 -16.38 -11.88
CA HIS B 390 -11.90 -16.73 -12.44
C HIS B 390 -11.97 -16.34 -13.90
N THR B 391 -12.83 -17.04 -14.64
CA THR B 391 -12.96 -16.82 -16.09
C THR B 391 -14.35 -16.32 -16.46
N ASP B 392 -15.10 -15.81 -15.48
CA ASP B 392 -16.39 -15.17 -15.74
C ASP B 392 -16.64 -14.23 -14.57
N VAL B 393 -17.72 -13.45 -14.68
CA VAL B 393 -18.11 -12.48 -13.66
C VAL B 393 -18.03 -13.11 -12.28
N VAL B 394 -17.34 -12.43 -11.35
CA VAL B 394 -17.32 -12.90 -9.97
C VAL B 394 -18.56 -12.32 -9.29
N ILE B 395 -19.59 -13.14 -9.17
CA ILE B 395 -20.89 -12.69 -8.71
C ILE B 395 -21.00 -12.67 -7.18
N SER B 396 -20.14 -13.41 -6.48
CA SER B 396 -20.30 -13.55 -5.04
C SER B 396 -18.94 -13.68 -4.38
N THR B 397 -18.79 -13.04 -3.23
CA THR B 397 -17.63 -13.23 -2.37
C THR B 397 -18.12 -13.40 -0.94
N ALA B 398 -17.31 -14.07 -0.13
CA ALA B 398 -17.60 -14.24 1.30
C ALA B 398 -16.29 -14.19 2.07
N CYS B 399 -16.36 -13.78 3.33
CA CYS B 399 -15.20 -13.70 4.20
C CYS B 399 -15.38 -14.62 5.40
N HIS B 400 -14.36 -15.41 5.71
CA HIS B 400 -14.48 -16.38 6.80
C HIS B 400 -14.63 -15.67 8.14
N PRO B 401 -15.44 -16.20 9.06
CA PRO B 401 -15.75 -15.45 10.29
C PRO B 401 -14.58 -15.29 11.25
N THR B 402 -13.57 -16.16 11.22
CA THR B 402 -12.43 -15.99 12.13
C THR B 402 -11.06 -16.02 11.46
N GLU B 403 -10.93 -16.62 10.29
CA GLU B 403 -9.65 -16.71 9.59
C GLU B 403 -9.65 -15.80 8.37
N ASN B 404 -8.44 -15.47 7.92
CA ASN B 404 -8.26 -14.61 6.76
C ASN B 404 -8.43 -15.46 5.50
N ILE B 405 -9.68 -15.78 5.18
CA ILE B 405 -10.02 -16.64 4.07
C ILE B 405 -11.17 -16.01 3.31
N ILE B 406 -11.06 -15.93 1.98
CA ILE B 406 -12.12 -15.44 1.12
C ILE B 406 -12.57 -16.55 0.17
N ALA B 407 -13.89 -16.66 -0.01
CA ALA B 407 -14.47 -17.49 -1.06
C ALA B 407 -15.00 -16.60 -2.17
N SER B 408 -14.81 -17.01 -3.41
CA SER B 408 -15.35 -16.30 -4.57
C SER B 408 -16.03 -17.30 -5.51
N ALA B 409 -17.07 -16.84 -6.21
CA ALA B 409 -17.82 -17.70 -7.11
C ALA B 409 -18.16 -16.94 -8.39
N ALA B 410 -18.25 -17.67 -9.50
CA ALA B 410 -18.32 -17.05 -10.82
C ALA B 410 -19.45 -17.64 -11.66
N LEU B 411 -19.78 -16.92 -12.74
CA LEU B 411 -20.92 -17.23 -13.58
C LEU B 411 -20.56 -18.38 -14.54
N GLU B 412 -21.44 -18.64 -15.51
CA GLU B 412 -21.51 -19.97 -16.12
C GLU B 412 -20.36 -20.30 -17.06
N ASN B 413 -19.55 -19.33 -17.51
CA ASN B 413 -18.34 -19.72 -18.22
C ASN B 413 -17.32 -20.38 -17.30
N ASP B 414 -17.43 -20.13 -15.99
CA ASP B 414 -16.47 -20.59 -15.00
C ASP B 414 -17.06 -21.66 -14.11
N LYS B 415 -18.15 -21.36 -13.40
CA LYS B 415 -18.91 -22.30 -12.58
C LYS B 415 -18.14 -22.84 -11.38
N THR B 416 -17.00 -22.25 -11.03
CA THR B 416 -16.22 -22.74 -9.90
C THR B 416 -16.25 -21.74 -8.74
N ILE B 417 -15.96 -22.27 -7.57
CA ILE B 417 -15.72 -21.49 -6.36
C ILE B 417 -14.23 -21.55 -6.08
N LYS B 418 -13.65 -20.44 -5.67
CA LYS B 418 -12.24 -20.43 -5.31
C LYS B 418 -12.08 -19.96 -3.88
N LEU B 419 -11.20 -20.66 -3.15
CA LEU B 419 -10.83 -20.30 -1.78
C LEU B 419 -9.45 -19.66 -1.78
N TRP B 420 -9.35 -18.48 -1.16
CA TRP B 420 -8.14 -17.68 -1.12
C TRP B 420 -7.75 -17.45 0.33
N LYS B 421 -6.46 -17.58 0.64
CA LYS B 421 -5.98 -17.35 2.01
C LYS B 421 -4.87 -16.32 2.03
N SER B 422 -4.83 -15.56 3.13
CA SER B 422 -3.88 -14.47 3.35
C SER B 422 -3.20 -14.69 4.70
N ASP B 423 -1.97 -14.18 4.82
CA ASP B 423 -1.26 -14.22 6.08
C ASP B 423 -1.70 -13.13 7.04
N CYS B 424 -2.52 -12.18 6.57
CA CYS B 424 -2.97 -11.05 7.38
C CYS B 424 -4.28 -10.46 6.85
N PRO C 123 -1.17 11.93 1.81
CA PRO C 123 -0.19 12.27 0.75
C PRO C 123 0.66 11.07 0.39
N ASN C 124 1.54 11.22 -0.60
CA ASN C 124 2.41 10.13 -1.01
C ASN C 124 3.83 10.65 -1.22
N TYR C 125 4.30 11.44 -0.25
CA TYR C 125 5.64 12.02 -0.34
C TYR C 125 6.68 10.92 -0.55
N ALA C 126 7.52 11.13 -1.56
CA ALA C 126 8.56 10.18 -1.92
C ALA C 126 9.87 10.93 -2.10
N LEU C 127 10.96 10.30 -1.67
CA LEU C 127 12.27 10.90 -1.76
C LEU C 127 12.68 11.11 -3.22
N LYS C 128 13.03 12.35 -3.55
CA LYS C 128 13.55 12.68 -4.87
C LYS C 128 15.01 13.07 -4.87
N PHE C 129 15.48 13.81 -3.87
CA PHE C 129 16.85 14.27 -3.87
C PHE C 129 17.40 14.27 -2.45
N THR C 130 18.71 14.01 -2.35
CA THR C 130 19.43 14.13 -1.10
C THR C 130 20.53 15.16 -1.30
N LEU C 131 20.61 16.12 -0.38
CA LEU C 131 21.45 17.30 -0.52
C LEU C 131 22.60 17.18 0.45
N ALA C 132 23.79 16.88 -0.06
CA ALA C 132 24.97 16.68 0.75
C ALA C 132 25.90 17.88 0.61
N GLY C 133 26.58 18.21 1.69
CA GLY C 133 27.59 19.24 1.63
C GLY C 133 27.93 19.83 2.98
N HIS C 134 26.96 19.93 3.88
CA HIS C 134 27.28 20.40 5.21
C HIS C 134 28.19 19.39 5.91
N THR C 135 29.09 19.90 6.73
CA THR C 135 30.07 19.04 7.41
C THR C 135 29.78 18.84 8.88
N LYS C 136 28.75 19.48 9.41
CA LYS C 136 28.22 19.18 10.73
C LYS C 136 26.70 19.15 10.61
N ALA C 137 26.04 19.04 11.78
CA ALA C 137 24.59 18.95 11.82
C ALA C 137 23.96 20.10 11.06
N VAL C 138 22.91 19.79 10.31
CA VAL C 138 22.08 20.85 9.76
C VAL C 138 21.15 21.32 10.86
N SER C 139 20.88 22.63 10.91
CA SER C 139 20.04 23.18 11.97
C SER C 139 18.68 23.69 11.49
N SER C 140 18.56 24.14 10.24
CA SER C 140 17.27 24.59 9.73
C SER C 140 17.29 24.58 8.20
N VAL C 141 16.11 24.37 7.61
CA VAL C 141 15.89 24.52 6.17
C VAL C 141 14.65 25.38 5.96
N LYS C 142 14.69 26.24 4.95
CA LYS C 142 13.62 27.19 4.68
C LYS C 142 13.49 27.43 3.18
N PHE C 143 12.29 27.27 2.63
CA PHE C 143 12.02 27.62 1.24
C PHE C 143 11.84 29.12 1.08
N SER C 144 12.43 29.69 0.03
CA SER C 144 12.19 31.09 -0.26
C SER C 144 10.72 31.31 -0.60
N PRO C 145 10.17 32.48 -0.27
CA PRO C 145 8.74 32.72 -0.57
C PRO C 145 8.40 32.65 -2.06
N ASN C 146 9.34 32.96 -2.94
CA ASN C 146 9.05 32.86 -4.36
C ASN C 146 9.17 31.44 -4.88
N GLY C 147 9.44 30.46 -4.01
CA GLY C 147 9.48 29.07 -4.41
C GLY C 147 10.73 28.62 -5.13
N GLU C 148 11.71 29.50 -5.34
CA GLU C 148 12.84 29.18 -6.19
C GLU C 148 13.93 28.40 -5.45
N TRP C 149 14.07 28.63 -4.14
CA TRP C 149 15.29 28.25 -3.45
C TRP C 149 15.00 27.61 -2.12
N LEU C 150 15.97 26.84 -1.63
CA LEU C 150 15.98 26.33 -0.27
C LEU C 150 17.24 26.84 0.40
N ALA C 151 17.12 27.39 1.60
CA ALA C 151 18.27 27.80 2.37
C ALA C 151 18.45 26.84 3.53
N SER C 152 19.70 26.48 3.82
CA SER C 152 19.98 25.63 4.96
C SER C 152 21.05 26.29 5.82
N SER C 153 20.95 26.08 7.12
CA SER C 153 21.99 26.49 8.06
C SER C 153 22.53 25.27 8.79
N SER C 154 23.71 25.41 9.37
CA SER C 154 24.39 24.26 9.95
C SER C 154 25.31 24.70 11.07
N ALA C 155 25.57 23.75 11.97
CA ALA C 155 26.63 23.89 12.96
C ALA C 155 28.00 24.12 12.33
N ASP C 156 28.15 23.85 11.03
CA ASP C 156 29.44 24.08 10.38
C ASP C 156 29.71 25.55 10.04
N LYS C 157 28.92 26.48 10.59
CA LYS C 157 29.03 27.93 10.40
C LYS C 157 28.56 28.40 9.02
N LEU C 158 28.01 27.51 8.20
CA LEU C 158 27.68 27.84 6.82
C LEU C 158 26.17 27.91 6.57
N ILE C 159 25.81 28.78 5.65
CA ILE C 159 24.52 28.74 4.96
C ILE C 159 24.77 28.18 3.58
N LYS C 160 23.90 27.29 3.11
CA LYS C 160 23.94 26.88 1.72
C LYS C 160 22.59 27.14 1.07
N ILE C 161 22.65 27.48 -0.22
CA ILE C 161 21.47 27.73 -1.03
C ILE C 161 21.38 26.62 -2.05
N TRP C 162 20.17 26.09 -2.23
CA TRP C 162 19.91 24.95 -3.11
C TRP C 162 18.69 25.25 -3.98
N GLY C 163 18.68 24.70 -5.19
CA GLY C 163 17.46 24.76 -5.99
C GLY C 163 16.31 24.08 -5.31
N ALA C 164 15.16 24.76 -5.23
CA ALA C 164 14.03 24.21 -4.47
C ALA C 164 13.41 22.99 -5.14
N TYR C 165 13.52 22.90 -6.46
CA TYR C 165 12.83 21.82 -7.18
C TYR C 165 13.75 20.65 -7.49
N ASP C 166 15.03 20.90 -7.70
CA ASP C 166 15.95 19.83 -8.05
C ASP C 166 17.07 19.65 -7.03
N GLY C 167 17.07 20.43 -5.95
CA GLY C 167 18.13 20.31 -4.96
C GLY C 167 19.51 20.71 -5.42
N LYS C 168 19.62 21.36 -6.57
CA LYS C 168 20.94 21.66 -7.12
C LYS C 168 21.67 22.68 -6.25
N PHE C 169 22.88 22.31 -5.81
CA PHE C 169 23.69 23.25 -5.05
C PHE C 169 23.90 24.53 -5.83
N GLU C 170 23.65 25.66 -5.18
CA GLU C 170 23.83 26.98 -5.79
C GLU C 170 25.02 27.72 -5.19
N LYS C 171 25.09 27.87 -3.87
CA LYS C 171 26.21 28.60 -3.29
C LYS C 171 26.30 28.33 -1.80
N THR C 172 27.48 28.62 -1.24
CA THR C 172 27.72 28.67 0.19
C THR C 172 27.89 30.11 0.63
N ILE C 173 27.29 30.44 1.76
CA ILE C 173 27.35 31.79 2.31
C ILE C 173 28.05 31.68 3.66
N SER C 174 29.19 32.36 3.79
CA SER C 174 30.05 32.22 4.96
C SER C 174 30.29 33.57 5.60
N GLY C 175 30.71 33.54 6.86
CA GLY C 175 30.98 34.76 7.61
C GLY C 175 30.82 34.61 9.12
N HIS C 176 29.86 33.80 9.56
CA HIS C 176 29.70 33.61 10.99
C HIS C 176 30.92 32.89 11.57
N LYS C 177 31.25 33.23 12.82
CA LYS C 177 32.44 32.68 13.47
C LYS C 177 32.15 31.39 14.25
N LEU C 178 30.89 31.08 14.49
CA LEU C 178 30.46 29.85 15.16
C LEU C 178 29.24 29.32 14.43
N GLY C 179 28.68 28.23 14.93
CA GLY C 179 27.58 27.58 14.24
C GLY C 179 26.34 28.46 14.14
N ILE C 180 25.49 28.10 13.18
CA ILE C 180 24.26 28.83 12.91
C ILE C 180 23.09 27.93 13.30
N SER C 181 22.15 28.47 14.07
CA SER C 181 20.98 27.70 14.47
C SER C 181 19.79 27.89 13.54
N ASP C 182 19.67 29.05 12.90
CA ASP C 182 18.45 29.38 12.18
C ASP C 182 18.78 30.33 11.05
N VAL C 183 17.97 30.27 9.98
CA VAL C 183 18.05 31.19 8.87
C VAL C 183 16.63 31.48 8.42
N ALA C 184 16.38 32.70 7.91
CA ALA C 184 15.04 33.06 7.47
C ALA C 184 15.12 34.03 6.31
N TRP C 185 14.12 33.95 5.42
CA TRP C 185 14.01 34.75 4.19
C TRP C 185 13.17 36.00 4.41
N SER C 186 13.57 37.07 3.71
CA SER C 186 12.69 38.21 3.56
C SER C 186 11.57 37.86 2.59
N SER C 187 10.51 38.68 2.63
CA SER C 187 9.32 38.39 1.83
C SER C 187 9.61 38.41 0.35
N ASP C 188 10.52 39.27 -0.11
CA ASP C 188 10.82 39.35 -1.54
C ASP C 188 11.88 38.35 -1.97
N SER C 189 12.31 37.46 -1.07
CA SER C 189 13.27 36.38 -1.32
C SER C 189 14.68 36.90 -1.62
N ASN C 190 14.94 38.19 -1.41
CA ASN C 190 16.25 38.73 -1.74
C ASN C 190 17.22 38.70 -0.57
N LEU C 191 16.72 38.65 0.66
CA LEU C 191 17.59 38.72 1.83
C LEU C 191 17.40 37.47 2.68
N LEU C 192 18.46 37.12 3.40
CA LEU C 192 18.40 36.13 4.46
C LEU C 192 18.87 36.76 5.76
N VAL C 193 18.33 36.27 6.88
CA VAL C 193 18.92 36.57 8.17
C VAL C 193 19.26 35.24 8.85
N SER C 194 20.39 35.23 9.55
CA SER C 194 20.89 34.03 10.22
C SER C 194 21.16 34.34 11.68
N ALA C 195 20.98 33.34 12.53
CA ALA C 195 21.16 33.46 13.98
C ALA C 195 22.27 32.50 14.42
N SER C 196 23.29 33.02 15.11
CA SER C 196 24.49 32.23 15.33
C SER C 196 24.92 32.18 16.79
N ASP C 197 25.68 31.12 17.09
CA ASP C 197 26.30 30.98 18.39
C ASP C 197 27.34 32.06 18.65
N ASP C 198 27.80 32.76 17.60
CA ASP C 198 28.74 33.88 17.81
C ASP C 198 28.04 35.15 18.39
N LYS C 199 26.78 34.97 18.83
CA LYS C 199 25.95 35.97 19.51
C LYS C 199 25.46 37.06 18.57
N THR C 200 25.64 36.92 17.26
CA THR C 200 25.14 37.88 16.30
C THR C 200 24.10 37.26 15.38
N LEU C 201 23.31 38.13 14.77
CA LEU C 201 22.63 37.80 13.52
C LEU C 201 23.35 38.49 12.38
N LYS C 202 23.19 37.94 11.18
CA LYS C 202 23.71 38.60 9.99
C LYS C 202 22.61 38.67 8.94
N ILE C 203 22.51 39.81 8.26
CA ILE C 203 21.62 39.97 7.11
C ILE C 203 22.47 39.78 5.87
N TRP C 204 22.01 38.94 4.96
CA TRP C 204 22.75 38.57 3.77
C TRP C 204 21.98 38.97 2.52
N ASP C 205 22.71 39.46 1.52
CA ASP C 205 22.16 39.59 0.17
C ASP C 205 22.34 38.24 -0.51
N VAL C 206 21.24 37.58 -0.84
CA VAL C 206 21.31 36.21 -1.35
C VAL C 206 22.02 36.17 -2.70
N SER C 207 21.74 37.15 -3.56
CA SER C 207 22.35 37.20 -4.88
C SER C 207 23.87 37.29 -4.79
N SER C 208 24.38 38.20 -3.97
CA SER C 208 25.81 38.37 -3.87
C SER C 208 26.45 37.38 -2.90
N GLY C 209 25.65 36.81 -2.00
CA GLY C 209 26.20 35.97 -0.97
C GLY C 209 26.95 36.72 0.11
N LYS C 210 26.83 38.04 0.17
CA LYS C 210 27.63 38.85 1.07
C LYS C 210 26.80 39.39 2.23
N CYS C 211 27.45 39.58 3.37
CA CYS C 211 26.83 40.12 4.56
C CYS C 211 26.59 41.61 4.41
N LEU C 212 25.34 42.05 4.63
CA LEU C 212 24.99 43.46 4.61
C LEU C 212 25.14 44.11 5.97
N LYS C 213 24.69 43.42 7.02
CA LYS C 213 24.67 43.94 8.37
C LYS C 213 24.96 42.81 9.34
N THR C 214 25.63 43.16 10.44
CA THR C 214 25.80 42.27 11.58
C THR C 214 25.06 42.88 12.75
N LEU C 215 24.14 42.13 13.33
CA LEU C 215 23.23 42.62 14.36
C LEU C 215 23.78 42.20 15.71
N LYS C 216 24.35 43.16 16.44
CA LYS C 216 25.04 42.91 17.70
C LYS C 216 24.20 43.45 18.86
N GLY C 217 24.14 42.66 19.92
CA GLY C 217 23.37 43.07 21.09
C GLY C 217 23.08 41.93 22.04
N HIS C 218 22.79 40.74 21.50
CA HIS C 218 22.58 39.59 22.37
C HIS C 218 23.86 39.23 23.10
N SER C 219 23.72 38.66 24.29
CA SER C 219 24.85 38.33 25.14
C SER C 219 25.12 36.84 25.20
N ASN C 220 24.41 36.05 24.40
CA ASN C 220 24.60 34.61 24.32
C ASN C 220 24.13 34.18 22.94
N TYR C 221 24.18 32.87 22.70
CA TYR C 221 23.81 32.31 21.39
C TYR C 221 22.46 32.84 20.93
N VAL C 222 22.40 33.24 19.66
CA VAL C 222 21.14 33.57 19.01
C VAL C 222 20.59 32.31 18.39
N PHE C 223 19.35 31.96 18.73
CA PHE C 223 18.81 30.66 18.39
C PHE C 223 17.77 30.67 17.29
N CYS C 224 17.06 31.79 17.12
CA CYS C 224 15.94 31.80 16.20
C CYS C 224 15.76 33.20 15.65
N CYS C 225 15.20 33.30 14.44
CA CYS C 225 15.07 34.60 13.81
C CYS C 225 13.99 34.55 12.75
N ASN C 226 13.48 35.73 12.41
CA ASN C 226 12.47 35.87 11.35
C ASN C 226 12.36 37.34 10.95
N PHE C 227 12.09 37.57 9.67
CA PHE C 227 11.64 38.87 9.19
C PHE C 227 10.16 39.04 9.48
N ASN C 228 9.71 40.29 9.59
CA ASN C 228 8.27 40.52 9.54
C ASN C 228 7.83 40.54 8.08
N PRO C 229 6.52 40.49 7.82
CA PRO C 229 6.07 40.43 6.41
C PRO C 229 6.54 41.62 5.58
N GLN C 230 6.41 42.83 6.10
CA GLN C 230 6.97 43.99 5.40
C GLN C 230 8.48 43.89 5.23
N SER C 231 9.15 43.12 6.08
CA SER C 231 10.58 42.84 6.04
C SER C 231 11.42 44.07 6.29
N ASN C 232 10.86 45.06 6.98
CA ASN C 232 11.64 46.15 7.54
C ASN C 232 12.15 45.83 8.94
N LEU C 233 11.68 44.75 9.57
CA LEU C 233 12.12 44.36 10.91
C LEU C 233 12.57 42.92 10.92
N ILE C 234 13.46 42.61 11.84
CA ILE C 234 13.83 41.24 12.18
C ILE C 234 13.54 41.04 13.65
N VAL C 235 13.08 39.84 14.01
CA VAL C 235 12.92 39.43 15.40
C VAL C 235 13.87 38.29 15.67
N SER C 236 14.51 38.31 16.84
CA SER C 236 15.43 37.27 17.26
C SER C 236 15.11 36.80 18.67
N GLY C 237 15.52 35.56 18.95
CA GLY C 237 15.45 35.03 20.30
C GLY C 237 16.77 34.35 20.65
N SER C 238 17.13 34.42 21.93
CA SER C 238 18.48 34.07 22.32
C SER C 238 18.51 33.23 23.59
N PHE C 239 19.63 32.53 23.77
CA PHE C 239 19.93 31.89 25.04
C PHE C 239 20.07 32.90 26.17
N ASP C 240 20.19 34.20 25.85
CA ASP C 240 20.19 35.21 26.88
C ASP C 240 18.79 35.53 27.41
N GLU C 241 17.77 34.79 26.95
CA GLU C 241 16.40 34.82 27.45
C GLU C 241 15.64 36.04 26.94
N SER C 242 16.22 36.81 26.03
CA SER C 242 15.57 38.00 25.51
C SER C 242 15.11 37.78 24.07
N VAL C 243 14.12 38.58 23.67
CA VAL C 243 13.70 38.73 22.28
C VAL C 243 14.07 40.13 21.86
N ARG C 244 14.73 40.27 20.71
CA ARG C 244 15.08 41.59 20.23
C ARG C 244 14.39 41.86 18.89
N ILE C 245 14.05 43.12 18.69
CA ILE C 245 13.48 43.60 17.44
C ILE C 245 14.49 44.55 16.81
N TRP C 246 14.83 44.29 15.54
CA TRP C 246 15.90 45.00 14.85
C TRP C 246 15.37 45.69 13.60
N ASP C 247 15.96 46.84 13.30
CA ASP C 247 15.66 47.57 12.07
C ASP C 247 16.58 47.05 10.97
N VAL C 248 15.97 46.54 9.89
CA VAL C 248 16.75 45.91 8.82
C VAL C 248 17.64 46.93 8.12
N LYS C 249 17.13 48.15 7.89
CA LYS C 249 17.90 49.12 7.10
C LYS C 249 19.14 49.60 7.85
N THR C 250 19.02 49.84 9.14
CA THR C 250 20.15 50.33 9.92
C THR C 250 20.95 49.24 10.61
N GLY C 251 20.38 48.04 10.74
CA GLY C 251 21.00 47.01 11.55
C GLY C 251 21.02 47.29 13.03
N LYS C 252 20.29 48.31 13.50
CA LYS C 252 20.28 48.67 14.90
C LYS C 252 19.16 47.95 15.64
N CYS C 253 19.38 47.68 16.92
CA CYS C 253 18.35 47.06 17.73
C CYS C 253 17.33 48.11 18.16
N LEU C 254 16.06 47.88 17.82
CA LEU C 254 15.00 48.83 18.16
C LEU C 254 14.44 48.60 19.56
N LYS C 255 14.27 47.34 19.96
CA LYS C 255 13.69 47.03 21.27
C LYS C 255 14.30 45.72 21.77
N THR C 256 14.47 45.64 23.09
CA THR C 256 14.92 44.41 23.74
C THR C 256 13.83 44.00 24.73
N LEU C 257 13.22 42.85 24.49
CA LEU C 257 12.12 42.41 25.34
C LEU C 257 12.62 41.42 26.37
N PRO C 258 12.35 41.65 27.65
CA PRO C 258 12.79 40.66 28.67
C PRO C 258 11.79 39.51 28.69
N ALA C 259 11.89 38.67 27.66
CA ALA C 259 10.74 37.88 27.24
C ALA C 259 10.51 36.66 28.13
N HIS C 260 11.57 36.05 28.63
CA HIS C 260 11.50 34.71 29.20
C HIS C 260 12.56 34.57 30.28
N SER C 261 12.49 33.46 31.01
CA SER C 261 13.45 33.17 32.07
C SER C 261 14.30 31.95 31.74
N ASP C 262 14.39 31.60 30.46
CA ASP C 262 15.21 30.51 29.95
C ASP C 262 15.42 30.78 28.47
N PRO C 263 16.28 30.00 27.80
CA PRO C 263 16.52 30.26 26.37
C PRO C 263 15.24 30.32 25.53
N VAL C 264 15.24 31.22 24.55
CA VAL C 264 14.10 31.42 23.65
C VAL C 264 14.24 30.50 22.45
N SER C 265 13.26 29.61 22.28
CA SER C 265 13.37 28.55 21.28
C SER C 265 12.77 28.93 19.92
N ALA C 266 11.85 29.88 19.86
CA ALA C 266 11.27 30.26 18.57
C ALA C 266 10.70 31.67 18.67
N VAL C 267 10.73 32.39 17.55
CA VAL C 267 10.09 33.69 17.41
C VAL C 267 9.48 33.78 16.00
N HIS C 268 8.29 34.37 15.91
CA HIS C 268 7.57 34.41 14.65
C HIS C 268 6.62 35.59 14.65
N PHE C 269 6.59 36.34 13.54
CA PHE C 269 5.60 37.40 13.32
C PHE C 269 4.31 36.84 12.72
N ASN C 270 3.19 37.50 13.03
CA ASN C 270 1.94 37.17 12.37
C ASN C 270 1.90 37.89 11.03
N ARG C 271 0.79 37.79 10.32
CA ARG C 271 0.85 38.06 8.89
C ARG C 271 0.90 39.53 8.52
N ASP C 272 0.59 40.46 9.43
CA ASP C 272 0.86 41.87 9.19
C ASP C 272 1.99 42.40 10.07
N GLY C 273 2.70 41.52 10.78
CA GLY C 273 3.78 41.95 11.63
C GLY C 273 3.38 42.70 12.88
N SER C 274 2.10 42.73 13.25
CA SER C 274 1.73 43.46 14.46
C SER C 274 1.95 42.65 15.73
N LEU C 275 2.06 41.33 15.63
CA LEU C 275 2.29 40.48 16.79
C LEU C 275 3.54 39.62 16.57
N ILE C 276 4.20 39.32 17.69
CA ILE C 276 5.30 38.37 17.75
C ILE C 276 4.90 37.27 18.73
N VAL C 277 5.04 36.01 18.32
CA VAL C 277 4.89 34.90 19.25
C VAL C 277 6.27 34.38 19.61
N SER C 278 6.49 34.09 20.90
CA SER C 278 7.76 33.55 21.36
C SER C 278 7.51 32.34 22.25
N SER C 279 8.47 31.42 22.27
CA SER C 279 8.41 30.24 23.10
C SER C 279 9.75 30.08 23.82
N SER C 280 9.74 29.34 24.93
CA SER C 280 10.95 29.22 25.71
C SER C 280 10.98 27.91 26.47
N TYR C 281 12.20 27.49 26.83
CA TYR C 281 12.37 26.38 27.76
C TYR C 281 11.81 26.69 29.14
N ASP C 282 11.42 27.94 29.43
CA ASP C 282 10.77 28.20 30.70
C ASP C 282 9.34 27.66 30.75
N GLY C 283 8.84 27.08 29.66
CA GLY C 283 7.51 26.52 29.62
C GLY C 283 6.45 27.45 29.10
N LEU C 284 6.81 28.67 28.73
CA LEU C 284 5.84 29.69 28.38
C LEU C 284 5.80 29.94 26.88
N CYS C 285 4.60 30.27 26.40
CA CYS C 285 4.42 30.88 25.10
CA CYS C 285 4.39 30.87 25.09
C CYS C 285 3.82 32.26 25.31
N ARG C 286 4.45 33.27 24.71
CA ARG C 286 3.98 34.64 24.90
C ARG C 286 3.73 35.30 23.55
N ILE C 287 2.73 36.18 23.54
CA ILE C 287 2.40 36.98 22.38
C ILE C 287 2.70 38.42 22.70
N TRP C 288 3.42 39.09 21.81
CA TRP C 288 3.94 40.43 22.02
C TRP C 288 3.38 41.37 20.97
N ASP C 289 3.10 42.59 21.40
CA ASP C 289 2.73 43.66 20.47
C ASP C 289 4.00 44.29 19.91
N THR C 290 4.19 44.15 18.59
CA THR C 290 5.44 44.61 17.98
C THR C 290 5.71 46.09 18.26
N ALA C 291 4.68 46.93 18.06
CA ALA C 291 4.89 48.37 18.12
C ALA C 291 5.35 48.83 19.50
N SER C 292 4.82 48.22 20.58
CA SER C 292 5.16 48.69 21.91
C SER C 292 6.13 47.78 22.64
N GLY C 293 6.34 46.55 22.17
CA GLY C 293 7.14 45.59 22.90
C GLY C 293 6.47 44.99 24.11
N GLN C 294 5.21 45.30 24.36
CA GLN C 294 4.53 44.85 25.57
C GLN C 294 3.83 43.52 25.34
N CYS C 295 3.72 42.72 26.42
CA CYS C 295 3.12 41.40 26.31
C CYS C 295 1.60 41.50 26.25
N LEU C 296 1.01 40.90 25.23
CA LEU C 296 -0.44 40.84 25.10
C LEU C 296 -1.04 39.66 25.86
N LYS C 297 -0.34 38.53 25.88
CA LYS C 297 -0.93 37.29 26.38
C LYS C 297 0.18 36.32 26.71
N THR C 298 0.05 35.62 27.83
CA THR C 298 0.88 34.45 28.09
C THR C 298 0.03 33.20 27.97
N PRO C 305 6.55 22.02 31.12
CA PRO C 305 7.25 21.41 29.98
C PRO C 305 7.79 22.46 29.01
N PRO C 306 9.07 22.36 28.65
CA PRO C 306 9.66 23.34 27.74
C PRO C 306 8.89 23.42 26.43
N VAL C 307 8.66 24.65 25.97
CA VAL C 307 8.04 24.88 24.67
C VAL C 307 9.17 25.08 23.69
N SER C 308 9.32 24.13 22.76
CA SER C 308 10.49 24.02 21.88
C SER C 308 10.28 24.65 20.51
N PHE C 309 9.06 25.07 20.18
CA PHE C 309 8.76 25.63 18.87
C PHE C 309 7.38 26.26 18.92
N VAL C 310 7.22 27.40 18.25
CA VAL C 310 5.91 28.00 18.00
C VAL C 310 5.95 28.71 16.66
N LYS C 311 4.78 28.82 16.04
CA LYS C 311 4.61 29.70 14.88
C LYS C 311 3.12 29.98 14.71
N PHE C 312 2.84 31.11 14.06
CA PHE C 312 1.49 31.40 13.63
C PHE C 312 1.12 30.54 12.42
N SER C 313 -0.18 30.32 12.25
CA SER C 313 -0.71 29.53 11.16
C SER C 313 -0.79 30.37 9.88
N PRO C 314 -0.95 29.71 8.73
CA PRO C 314 -1.08 30.47 7.47
C PRO C 314 -2.27 31.41 7.41
N ASN C 315 -3.33 31.18 8.17
CA ASN C 315 -4.46 32.09 8.14
C ASN C 315 -4.34 33.17 9.20
N GLY C 316 -3.29 33.13 10.03
CA GLY C 316 -2.96 34.20 10.94
C GLY C 316 -3.52 34.07 12.35
N LYS C 317 -4.42 33.13 12.61
CA LYS C 317 -5.16 33.15 13.86
C LYS C 317 -4.88 31.99 14.81
N TYR C 318 -4.09 31.01 14.39
CA TYR C 318 -3.70 29.92 15.27
C TYR C 318 -2.21 29.99 15.56
N ILE C 319 -1.81 29.34 16.65
CA ILE C 319 -0.42 29.10 17.00
C ILE C 319 -0.19 27.60 17.07
N LEU C 320 0.78 27.09 16.32
CA LEU C 320 1.21 25.71 16.44
C LEU C 320 2.40 25.65 17.39
N ALA C 321 2.30 24.84 18.43
CA ALA C 321 3.30 24.84 19.50
C ALA C 321 3.76 23.43 19.85
N ALA C 322 5.08 23.24 19.90
CA ALA C 322 5.70 21.97 20.28
C ALA C 322 6.20 22.06 21.71
N THR C 323 6.01 20.99 22.47
CA THR C 323 6.57 20.88 23.81
C THR C 323 7.41 19.62 23.91
N LEU C 324 8.42 19.64 24.79
CA LEU C 324 9.34 18.51 24.91
C LEU C 324 8.76 17.36 25.73
N ASP C 325 7.48 17.05 25.50
CA ASP C 325 6.79 15.86 25.98
C ASP C 325 6.13 15.15 24.79
N ASN C 326 6.79 15.19 23.63
CA ASN C 326 6.37 14.46 22.44
C ASN C 326 5.00 14.91 21.94
N THR C 327 4.72 16.21 22.04
CA THR C 327 3.38 16.72 21.76
C THR C 327 3.43 18.00 20.95
N LEU C 328 2.61 18.06 19.91
CA LEU C 328 2.31 19.29 19.18
C LEU C 328 0.87 19.69 19.43
N LYS C 329 0.63 20.98 19.68
CA LYS C 329 -0.71 21.47 19.93
C LYS C 329 -1.03 22.66 19.05
N LEU C 330 -2.26 22.71 18.54
CA LEU C 330 -2.76 23.82 17.74
C LEU C 330 -3.65 24.66 18.62
N TRP C 331 -3.28 25.92 18.84
CA TRP C 331 -3.95 26.80 19.78
C TRP C 331 -4.68 27.92 19.06
N ASP C 332 -5.89 28.21 19.51
CA ASP C 332 -6.54 29.48 19.23
C ASP C 332 -6.08 30.45 20.32
N TYR C 333 -5.18 31.37 19.97
CA TYR C 333 -4.56 32.18 21.00
C TYR C 333 -5.52 33.22 21.55
N SER C 334 -6.37 33.80 20.71
CA SER C 334 -7.40 34.72 21.19
C SER C 334 -8.23 34.07 22.28
N LYS C 335 -8.94 32.99 21.93
CA LYS C 335 -9.70 32.24 22.91
C LYS C 335 -8.81 31.58 23.96
N GLY C 336 -7.54 31.36 23.64
CA GLY C 336 -6.65 30.66 24.56
C GLY C 336 -6.96 29.18 24.69
N LYS C 337 -7.52 28.55 23.67
CA LYS C 337 -7.99 27.17 23.75
C LYS C 337 -7.20 26.29 22.78
N CYS C 338 -6.88 25.08 23.24
CA CYS C 338 -6.22 24.09 22.39
C CYS C 338 -7.28 23.41 21.52
N LEU C 339 -7.13 23.53 20.20
CA LEU C 339 -8.10 22.97 19.28
C LEU C 339 -7.70 21.59 18.76
N LYS C 340 -6.41 21.33 18.59
CA LYS C 340 -5.93 20.07 18.05
C LYS C 340 -4.63 19.70 18.74
N THR C 341 -4.36 18.39 18.79
CA THR C 341 -3.14 17.86 19.39
C THR C 341 -2.64 16.72 18.51
N TYR C 342 -1.34 16.70 18.28
CA TYR C 342 -0.72 15.70 17.40
C TYR C 342 0.39 14.99 18.17
N THR C 343 0.37 13.66 18.13
CA THR C 343 1.34 12.85 18.86
C THR C 343 1.69 11.63 18.02
N GLY C 344 2.59 10.81 18.56
CA GLY C 344 3.10 9.63 17.90
C GLY C 344 4.56 9.71 17.54
N HIS C 345 5.10 10.92 17.46
CA HIS C 345 6.49 11.16 17.15
C HIS C 345 7.28 11.23 18.45
N LYS C 346 8.60 11.41 18.31
CA LYS C 346 9.50 11.48 19.45
C LYS C 346 10.08 12.88 19.54
N ASN C 347 9.82 13.58 20.64
CA ASN C 347 10.37 14.92 20.80
C ASN C 347 10.49 15.22 22.30
N GLU C 348 11.62 14.84 22.89
CA GLU C 348 11.93 15.13 24.28
C GLU C 348 13.20 15.93 24.48
N LYS C 349 13.96 16.17 23.43
CA LYS C 349 15.31 16.73 23.65
C LYS C 349 15.60 17.95 22.80
N TYR C 350 15.22 17.95 21.53
CA TYR C 350 15.65 18.95 20.57
C TYR C 350 14.51 19.89 20.20
N CYS C 351 14.88 21.09 19.77
CA CYS C 351 13.91 22.06 19.29
C CYS C 351 13.65 21.76 17.82
N ILE C 352 12.56 21.06 17.55
CA ILE C 352 12.25 20.54 16.21
C ILE C 352 11.17 21.42 15.59
N PHE C 353 11.46 21.94 14.41
CA PHE C 353 10.53 22.79 13.69
C PHE C 353 9.31 22.00 13.25
N ALA C 354 8.16 22.66 13.19
CA ALA C 354 6.95 22.05 12.66
C ALA C 354 6.32 22.99 11.64
N ASN C 355 5.47 22.43 10.78
CA ASN C 355 4.91 23.21 9.67
C ASN C 355 3.45 22.87 9.46
N PHE C 356 2.72 23.86 8.94
CA PHE C 356 1.46 23.65 8.22
C PHE C 356 1.77 23.37 6.76
N SER C 357 1.24 22.27 6.23
CA SER C 357 1.30 22.00 4.80
C SER C 357 -0.05 22.38 4.22
N VAL C 358 -0.06 23.34 3.28
CA VAL C 358 -1.31 23.95 2.83
C VAL C 358 -1.50 23.90 1.33
N THR C 359 -0.54 23.36 0.58
CA THR C 359 -0.58 23.40 -0.88
C THR C 359 -1.47 22.31 -1.46
N GLY C 360 -1.60 21.18 -0.76
CA GLY C 360 -2.52 20.12 -1.16
C GLY C 360 -3.46 19.81 -0.01
N GLY C 361 -3.44 18.58 0.49
CA GLY C 361 -4.16 18.29 1.71
C GLY C 361 -3.62 19.07 2.88
N LYS C 362 -4.47 19.26 3.89
CA LYS C 362 -4.12 20.13 5.01
C LYS C 362 -3.42 19.27 6.06
N TRP C 363 -2.09 19.33 6.09
CA TRP C 363 -1.30 18.50 6.98
C TRP C 363 -0.55 19.34 8.00
N ILE C 364 -0.13 18.66 9.06
CA ILE C 364 0.90 19.14 9.98
C ILE C 364 2.13 18.28 9.73
N VAL C 365 3.30 18.91 9.64
CA VAL C 365 4.55 18.23 9.32
C VAL C 365 5.57 18.52 10.42
N SER C 366 6.31 17.49 10.84
CA SER C 366 7.33 17.72 11.84
C SER C 366 8.42 16.64 11.77
N GLY C 367 9.63 17.03 12.13
CA GLY C 367 10.68 16.07 12.37
C GLY C 367 10.45 15.31 13.67
N SER C 368 11.39 14.41 13.97
CA SER C 368 11.23 13.51 15.09
C SER C 368 12.59 12.95 15.47
N GLU C 369 12.73 12.61 16.75
CA GLU C 369 13.98 12.08 17.26
C GLU C 369 14.17 10.60 16.98
N ASP C 370 13.21 9.97 16.27
CA ASP C 370 13.38 8.62 15.77
C ASP C 370 13.76 8.60 14.29
N ASN C 371 14.21 9.74 13.75
CA ASN C 371 14.79 9.91 12.41
C ASN C 371 13.75 9.94 11.30
N LEU C 372 12.46 10.05 11.63
CA LEU C 372 11.42 10.09 10.62
C LEU C 372 10.82 11.48 10.51
N VAL C 373 10.25 11.76 9.35
CA VAL C 373 9.35 12.90 9.18
C VAL C 373 7.92 12.42 9.40
N TYR C 374 7.19 13.11 10.27
CA TYR C 374 5.81 12.75 10.56
C TYR C 374 4.87 13.72 9.85
N ILE C 375 3.80 13.19 9.30
CA ILE C 375 2.76 13.98 8.66
C ILE C 375 1.42 13.57 9.25
N TRP C 376 0.67 14.54 9.78
CA TRP C 376 -0.64 14.31 10.35
C TRP C 376 -1.71 15.02 9.51
N ASN C 377 -2.88 14.42 9.48
CA ASN C 377 -4.08 15.13 9.05
C ASN C 377 -4.42 16.20 10.08
N LEU C 378 -4.45 17.46 9.65
CA LEU C 378 -4.66 18.57 10.58
C LEU C 378 -5.97 18.43 11.34
N GLN C 379 -7.05 18.09 10.64
CA GLN C 379 -8.37 18.06 11.27
C GLN C 379 -8.58 16.80 12.09
N THR C 380 -8.22 15.63 11.54
CA THR C 380 -8.50 14.38 12.25
C THR C 380 -7.42 14.03 13.28
N LYS C 381 -6.23 14.60 13.15
CA LYS C 381 -5.07 14.40 14.04
C LYS C 381 -4.40 13.04 13.86
N GLU C 382 -4.81 12.26 12.86
CA GLU C 382 -4.18 10.97 12.62
C GLU C 382 -2.90 11.12 11.80
N ILE C 383 -1.91 10.27 12.11
CA ILE C 383 -0.72 10.19 11.27
C ILE C 383 -1.11 9.64 9.90
N VAL C 384 -0.73 10.35 8.84
CA VAL C 384 -1.01 9.89 7.49
C VAL C 384 0.24 9.47 6.72
N GLN C 385 1.44 9.88 7.14
CA GLN C 385 2.65 9.39 6.51
C GLN C 385 3.83 9.57 7.47
N LYS C 386 4.75 8.60 7.45
CA LYS C 386 6.07 8.74 8.04
C LYS C 386 7.10 8.55 6.95
N LEU C 387 8.04 9.50 6.84
CA LEU C 387 9.04 9.49 5.78
C LEU C 387 10.35 8.92 6.34
N GLN C 388 10.74 7.76 5.82
CA GLN C 388 11.93 7.05 6.26
C GLN C 388 13.09 7.37 5.33
N GLY C 389 14.26 7.58 5.92
CA GLY C 389 15.42 7.88 5.09
C GLY C 389 16.57 8.46 5.88
N HIS C 390 16.28 9.44 6.75
CA HIS C 390 17.36 10.04 7.50
C HIS C 390 17.96 9.03 8.48
N THR C 391 19.21 9.27 8.87
CA THR C 391 19.91 8.40 9.80
C THR C 391 20.27 9.14 11.09
N ASP C 392 19.63 10.27 11.35
CA ASP C 392 19.73 10.96 12.62
C ASP C 392 18.45 11.76 12.84
N VAL C 393 18.37 12.41 14.00
CA VAL C 393 17.21 13.23 14.37
C VAL C 393 16.89 14.20 13.24
N VAL C 394 15.62 14.24 12.83
CA VAL C 394 15.18 15.21 11.83
C VAL C 394 14.84 16.49 12.58
N ILE C 395 15.76 17.45 12.55
CA ILE C 395 15.65 18.64 13.37
C ILE C 395 14.81 19.72 12.72
N SER C 396 14.64 19.66 11.40
CA SER C 396 13.95 20.75 10.72
C SER C 396 13.24 20.20 9.51
N THR C 397 12.10 20.82 9.20
CA THR C 397 11.33 20.53 8.01
C THR C 397 10.76 21.85 7.50
N ALA C 398 10.47 21.86 6.20
CA ALA C 398 9.86 23.02 5.56
C ALA C 398 8.95 22.54 4.45
N CYS C 399 7.91 23.33 4.19
CA CYS C 399 6.92 23.03 3.16
C CYS C 399 7.01 24.09 2.08
N HIS C 400 7.10 23.64 0.83
CA HIS C 400 7.24 24.58 -0.28
C HIS C 400 6.00 25.45 -0.38
N PRO C 401 6.15 26.73 -0.73
CA PRO C 401 4.99 27.64 -0.66
C PRO C 401 3.92 27.38 -1.71
N THR C 402 4.20 26.72 -2.83
CA THR C 402 3.15 26.47 -3.82
C THR C 402 3.06 25.04 -4.31
N GLU C 403 4.13 24.26 -4.24
CA GLU C 403 4.15 22.88 -4.69
C GLU C 403 4.19 21.94 -3.49
N ASN C 404 3.71 20.72 -3.71
CA ASN C 404 3.67 19.71 -2.65
C ASN C 404 5.05 19.11 -2.51
N ILE C 405 5.91 19.84 -1.79
CA ILE C 405 7.33 19.52 -1.68
C ILE C 405 7.74 19.78 -0.24
N ILE C 406 8.38 18.80 0.38
CA ILE C 406 8.88 18.93 1.74
C ILE C 406 10.39 18.81 1.72
N ALA C 407 11.06 19.64 2.51
CA ALA C 407 12.48 19.51 2.80
C ALA C 407 12.65 19.09 4.25
N SER C 408 13.62 18.21 4.51
CA SER C 408 13.90 17.75 5.87
C SER C 408 15.40 17.77 6.07
N ALA C 409 15.82 18.00 7.31
CA ALA C 409 17.24 18.11 7.60
C ALA C 409 17.54 17.40 8.91
N ALA C 410 18.74 16.81 9.01
CA ALA C 410 19.04 15.91 10.12
C ALA C 410 20.37 16.27 10.79
N LEU C 411 20.58 15.67 11.96
CA LEU C 411 21.71 15.99 12.82
C LEU C 411 22.97 15.25 12.33
N GLU C 412 24.05 15.32 13.10
CA GLU C 412 25.39 15.16 12.55
C GLU C 412 25.74 13.74 12.12
N ASN C 413 24.99 12.72 12.52
CA ASN C 413 25.25 11.40 11.94
C ASN C 413 24.81 11.33 10.48
N ASP C 414 23.99 12.28 10.04
CA ASP C 414 23.39 12.30 8.71
C ASP C 414 23.90 13.47 7.90
N LYS C 415 23.64 14.70 8.35
CA LYS C 415 24.17 15.94 7.79
C LYS C 415 23.64 16.24 6.41
N THR C 416 22.59 15.55 5.96
CA THR C 416 21.99 15.82 4.67
C THR C 416 20.63 16.46 4.81
N ILE C 417 20.21 17.07 3.72
CA ILE C 417 18.85 17.55 3.53
C ILE C 417 18.22 16.65 2.50
N LYS C 418 16.95 16.30 2.70
CA LYS C 418 16.21 15.49 1.75
C LYS C 418 14.99 16.24 1.24
N LEU C 419 14.73 16.11 -0.07
CA LEU C 419 13.61 16.74 -0.75
C LEU C 419 12.61 15.67 -1.14
N TRP C 420 11.37 15.81 -0.67
CA TRP C 420 10.31 14.83 -0.86
C TRP C 420 9.19 15.47 -1.67
N LYS C 421 8.63 14.74 -2.64
CA LYS C 421 7.53 15.26 -3.44
C LYS C 421 6.34 14.32 -3.39
N SER C 422 5.14 14.92 -3.42
CA SER C 422 3.87 14.23 -3.34
C SER C 422 2.99 14.67 -4.51
N ASP C 423 2.13 13.75 -4.96
CA ASP C 423 1.16 14.11 -5.99
C ASP C 423 -0.03 14.87 -5.42
N CYS C 424 -0.17 14.92 -4.11
CA CYS C 424 -1.27 15.65 -3.49
C CYS C 424 -0.87 16.19 -2.12
N PRO D 123 -4.27 -44.50 4.10
CA PRO D 123 -3.26 -44.18 3.09
C PRO D 123 -2.38 -45.37 2.76
N ASN D 124 -1.56 -45.25 1.73
CA ASN D 124 -0.65 -46.31 1.33
C ASN D 124 0.75 -45.76 1.12
N TYR D 125 1.20 -44.96 2.09
CA TYR D 125 2.57 -44.43 2.04
C TYR D 125 3.57 -45.56 1.84
N ALA D 126 4.46 -45.36 0.87
CA ALA D 126 5.47 -46.33 0.48
C ALA D 126 6.78 -45.57 0.24
N LEU D 127 7.88 -46.18 0.65
CA LEU D 127 9.17 -45.52 0.59
C LEU D 127 9.60 -45.30 -0.86
N LYS D 128 9.91 -44.06 -1.20
CA LYS D 128 10.44 -43.75 -2.53
C LYS D 128 11.89 -43.35 -2.53
N PHE D 129 12.37 -42.63 -1.52
CA PHE D 129 13.75 -42.16 -1.51
C PHE D 129 14.30 -42.16 -0.09
N THR D 130 15.59 -42.46 0.03
CA THR D 130 16.32 -42.32 1.28
C THR D 130 17.43 -41.30 1.07
N LEU D 131 17.48 -40.30 1.93
CA LEU D 131 18.34 -39.14 1.77
C LEU D 131 19.46 -39.27 2.79
N ALA D 132 20.66 -39.57 2.33
CA ALA D 132 21.83 -39.71 3.19
C ALA D 132 22.78 -38.54 2.99
N GLY D 133 23.50 -38.21 4.05
CA GLY D 133 24.50 -37.16 3.95
C GLY D 133 24.85 -36.60 5.29
N HIS D 134 23.87 -36.50 6.19
CA HIS D 134 24.22 -36.03 7.52
C HIS D 134 25.12 -37.05 8.21
N THR D 135 26.01 -36.54 9.05
CA THR D 135 26.99 -37.39 9.74
C THR D 135 26.68 -37.60 11.21
N LYS D 136 25.63 -36.97 11.73
CA LYS D 136 25.13 -37.24 13.07
C LYS D 136 23.61 -37.29 12.99
N ALA D 137 22.95 -37.40 14.15
CA ALA D 137 21.51 -37.49 14.19
C ALA D 137 20.86 -36.34 13.43
N VAL D 138 19.83 -36.65 12.69
CA VAL D 138 18.99 -35.61 12.12
C VAL D 138 18.03 -35.15 13.22
N SER D 139 17.78 -33.85 13.28
CA SER D 139 16.93 -33.29 14.33
C SER D 139 15.58 -32.77 13.82
N SER D 140 15.50 -32.33 12.58
CA SER D 140 14.23 -31.83 12.08
C SER D 140 14.25 -31.86 10.56
N VAL D 141 13.06 -32.07 9.97
CA VAL D 141 12.84 -31.92 8.54
C VAL D 141 11.60 -31.05 8.34
N LYS D 142 11.64 -30.18 7.34
CA LYS D 142 10.55 -29.24 7.05
C LYS D 142 10.44 -29.03 5.55
N PHE D 143 9.23 -29.18 5.01
CA PHE D 143 8.99 -28.82 3.62
C PHE D 143 8.82 -27.32 3.47
N SER D 144 9.37 -26.77 2.38
CA SER D 144 9.14 -25.37 2.10
C SER D 144 7.67 -25.16 1.75
N PRO D 145 7.11 -24.00 2.12
CA PRO D 145 5.69 -23.75 1.83
C PRO D 145 5.35 -23.83 0.36
N ASN D 146 6.28 -23.50 -0.54
CA ASN D 146 5.96 -23.60 -1.96
C ASN D 146 6.08 -25.03 -2.47
N GLY D 147 6.47 -25.97 -1.60
CA GLY D 147 6.50 -27.38 -1.93
C GLY D 147 7.73 -27.87 -2.64
N GLU D 148 8.67 -26.97 -2.97
CA GLU D 148 9.78 -27.33 -3.83
C GLU D 148 10.89 -28.05 -3.07
N TRP D 149 11.05 -27.76 -1.79
CA TRP D 149 12.28 -28.13 -1.09
C TRP D 149 11.95 -28.80 0.23
N LEU D 150 12.92 -29.60 0.69
CA LEU D 150 12.95 -30.10 2.06
C LEU D 150 14.21 -29.57 2.71
N ALA D 151 14.10 -29.03 3.92
CA ALA D 151 15.25 -28.65 4.70
C ALA D 151 15.41 -29.60 5.89
N SER D 152 16.64 -29.95 6.21
CA SER D 152 16.93 -30.80 7.36
C SER D 152 18.00 -30.13 8.20
N SER D 153 17.93 -30.36 9.51
CA SER D 153 18.96 -29.92 10.45
C SER D 153 19.52 -31.14 11.16
N SER D 154 20.73 -30.99 11.72
CA SER D 154 21.39 -32.13 12.32
C SER D 154 22.32 -31.70 13.43
N ALA D 155 22.59 -32.66 14.33
CA ALA D 155 23.65 -32.49 15.31
C ALA D 155 25.01 -32.30 14.66
N ASP D 156 25.15 -32.60 13.36
CA ASP D 156 26.40 -32.35 12.65
C ASP D 156 26.63 -30.89 12.31
N LYS D 157 25.83 -29.97 12.86
CA LYS D 157 25.95 -28.52 12.74
C LYS D 157 25.52 -28.02 11.38
N LEU D 158 24.95 -28.87 10.53
CA LEU D 158 24.63 -28.53 9.16
C LEU D 158 23.13 -28.50 8.92
N ILE D 159 22.74 -27.65 7.96
CA ILE D 159 21.43 -27.70 7.30
C ILE D 159 21.66 -28.24 5.90
N LYS D 160 20.78 -29.13 5.44
CA LYS D 160 20.83 -29.54 4.04
C LYS D 160 19.47 -29.28 3.38
N ILE D 161 19.53 -28.96 2.08
CA ILE D 161 18.35 -28.70 1.26
C ILE D 161 18.26 -29.82 0.24
N TRP D 162 17.06 -30.38 0.10
CA TRP D 162 16.80 -31.51 -0.77
C TRP D 162 15.60 -31.22 -1.64
N GLY D 163 15.58 -31.78 -2.85
CA GLY D 163 14.37 -31.69 -3.64
C GLY D 163 13.21 -32.37 -2.95
N ALA D 164 12.07 -31.67 -2.85
CA ALA D 164 10.96 -32.21 -2.08
C ALA D 164 10.34 -33.44 -2.74
N TYR D 165 10.39 -33.52 -4.06
CA TYR D 165 9.72 -34.58 -4.80
C TYR D 165 10.62 -35.76 -5.12
N ASP D 166 11.93 -35.53 -5.28
CA ASP D 166 12.84 -36.62 -5.63
C ASP D 166 13.96 -36.81 -4.65
N GLY D 167 14.00 -36.05 -3.56
CA GLY D 167 15.07 -36.19 -2.58
C GLY D 167 16.44 -35.77 -3.03
N LYS D 168 16.54 -35.15 -4.21
CA LYS D 168 17.84 -34.82 -4.78
C LYS D 168 18.58 -33.81 -3.91
N PHE D 169 19.79 -34.15 -3.49
CA PHE D 169 20.57 -33.20 -2.70
C PHE D 169 20.81 -31.93 -3.49
N GLU D 170 20.52 -30.80 -2.84
CA GLU D 170 20.68 -29.49 -3.46
C GLU D 170 21.86 -28.72 -2.89
N LYS D 171 21.96 -28.59 -1.57
CA LYS D 171 23.10 -27.85 -1.01
C LYS D 171 23.21 -28.11 0.50
N THR D 172 24.37 -27.79 1.04
CA THR D 172 24.61 -27.77 2.46
C THR D 172 24.76 -26.32 2.92
N ILE D 173 24.17 -26.00 4.07
CA ILE D 173 24.26 -24.67 4.66
C ILE D 173 24.96 -24.78 6.01
N SER D 174 26.08 -24.09 6.16
CA SER D 174 26.93 -24.25 7.33
C SER D 174 27.22 -22.89 7.95
N GLY D 175 27.57 -22.91 9.23
CA GLY D 175 27.91 -21.71 9.94
C GLY D 175 27.71 -21.81 11.44
N HIS D 176 26.75 -22.63 11.89
CA HIS D 176 26.61 -22.82 13.33
C HIS D 176 27.84 -23.52 13.90
N LYS D 177 28.15 -23.19 15.15
CA LYS D 177 29.32 -23.75 15.82
C LYS D 177 29.04 -25.03 16.59
N LEU D 178 27.77 -25.35 16.83
CA LEU D 178 27.36 -26.59 17.48
C LEU D 178 26.12 -27.12 16.78
N GLY D 179 25.61 -28.23 17.30
CA GLY D 179 24.48 -28.89 16.67
C GLY D 179 23.27 -27.97 16.54
N ILE D 180 22.42 -28.34 15.59
CA ILE D 180 21.18 -27.61 15.28
C ILE D 180 20.00 -28.51 15.64
N SER D 181 19.07 -27.98 16.43
CA SER D 181 17.90 -28.77 16.80
C SER D 181 16.71 -28.55 15.89
N ASP D 182 16.61 -27.40 15.23
CA ASP D 182 15.37 -27.05 14.53
C ASP D 182 15.70 -26.12 13.38
N VAL D 183 14.90 -26.21 12.31
CA VAL D 183 14.95 -25.29 11.18
C VAL D 183 13.52 -24.97 10.78
N ALA D 184 13.30 -23.77 10.25
CA ALA D 184 11.96 -23.38 9.85
C ALA D 184 12.04 -22.41 8.68
N TRP D 185 11.03 -22.48 7.81
CA TRP D 185 10.97 -21.71 6.59
C TRP D 185 10.13 -20.44 6.76
N SER D 186 10.52 -19.39 6.04
CA SER D 186 9.64 -18.25 5.91
C SER D 186 8.51 -18.58 4.94
N SER D 187 7.47 -17.74 4.97
CA SER D 187 6.25 -18.02 4.20
C SER D 187 6.51 -18.01 2.70
N ASP D 188 7.44 -17.20 2.23
CA ASP D 188 7.74 -17.10 0.81
C ASP D 188 8.81 -18.10 0.37
N SER D 189 9.21 -19.00 1.27
CA SER D 189 10.19 -20.06 1.01
C SER D 189 11.58 -19.54 0.71
N ASN D 190 11.84 -18.26 0.92
CA ASN D 190 13.15 -17.70 0.59
C ASN D 190 14.12 -17.73 1.76
N LEU D 191 13.63 -17.78 3.00
CA LEU D 191 14.48 -17.73 4.18
C LEU D 191 14.31 -18.98 5.02
N LEU D 192 15.36 -19.32 5.76
CA LEU D 192 15.33 -20.32 6.81
C LEU D 192 15.77 -19.67 8.12
N VAL D 193 15.22 -20.15 9.24
CA VAL D 193 15.83 -19.85 10.53
C VAL D 193 16.22 -21.16 11.19
N SER D 194 17.35 -21.17 11.89
CA SER D 194 17.84 -22.37 12.55
C SER D 194 18.10 -22.07 14.03
N ALA D 195 17.87 -23.07 14.87
CA ALA D 195 18.07 -22.95 16.31
C ALA D 195 19.15 -23.93 16.73
N SER D 196 20.15 -23.44 17.46
CA SER D 196 21.36 -24.21 17.68
C SER D 196 21.78 -24.27 19.14
N ASP D 197 22.52 -25.34 19.46
CA ASP D 197 23.18 -25.48 20.75
C ASP D 197 24.21 -24.38 21.00
N ASP D 198 24.69 -23.69 19.94
CA ASP D 198 25.63 -22.59 20.14
C ASP D 198 24.95 -21.30 20.74
N LYS D 199 23.67 -21.46 21.11
CA LYS D 199 22.84 -20.49 21.83
C LYS D 199 22.33 -19.40 20.90
N THR D 200 22.52 -19.54 19.59
CA THR D 200 22.04 -18.55 18.63
C THR D 200 20.99 -19.16 17.72
N LEU D 201 20.21 -18.27 17.10
CA LEU D 201 19.52 -18.61 15.86
C LEU D 201 20.23 -17.92 14.70
N LYS D 202 20.10 -18.50 13.53
CA LYS D 202 20.66 -17.89 12.33
C LYS D 202 19.56 -17.82 11.28
N ILE D 203 19.48 -16.67 10.62
CA ILE D 203 18.59 -16.47 9.49
C ILE D 203 19.42 -16.64 8.22
N TRP D 204 18.94 -17.48 7.31
CA TRP D 204 19.67 -17.84 6.11
C TRP D 204 18.90 -17.45 4.86
N ASP D 205 19.61 -16.96 3.85
CA ASP D 205 19.05 -16.86 2.52
C ASP D 205 19.23 -18.21 1.82
N VAL D 206 18.13 -18.88 1.50
CA VAL D 206 18.23 -20.25 1.02
C VAL D 206 18.92 -20.29 -0.34
N SER D 207 18.62 -19.32 -1.20
CA SER D 207 19.22 -19.27 -2.53
C SER D 207 20.74 -19.16 -2.45
N SER D 208 21.24 -18.26 -1.61
CA SER D 208 22.69 -18.09 -1.51
C SER D 208 23.33 -19.05 -0.54
N GLY D 209 22.54 -19.61 0.39
CA GLY D 209 23.11 -20.47 1.40
C GLY D 209 23.86 -19.73 2.47
N LYS D 210 23.74 -18.41 2.54
CA LYS D 210 24.56 -17.61 3.43
C LYS D 210 23.71 -17.05 4.58
N CYS D 211 24.37 -16.85 5.71
CA CYS D 211 23.73 -16.33 6.91
C CYS D 211 23.49 -14.84 6.74
N LEU D 212 22.25 -14.40 6.97
CA LEU D 212 21.89 -12.99 6.92
C LEU D 212 22.01 -12.33 8.29
N LYS D 213 21.56 -13.02 9.33
CA LYS D 213 21.57 -12.48 10.69
C LYS D 213 21.87 -13.61 11.65
N THR D 214 22.53 -13.27 12.75
CA THR D 214 22.68 -14.17 13.89
C THR D 214 21.95 -13.55 15.06
N LEU D 215 20.98 -14.29 15.61
CA LEU D 215 20.11 -13.82 16.68
C LEU D 215 20.71 -14.24 18.02
N LYS D 216 21.21 -13.26 18.77
CA LYS D 216 21.91 -13.50 20.02
C LYS D 216 21.10 -13.00 21.21
N GLY D 217 21.08 -13.77 22.28
CA GLY D 217 20.31 -13.39 23.46
C GLY D 217 20.03 -14.54 24.39
N HIS D 218 19.71 -15.70 23.85
CA HIS D 218 19.47 -16.86 24.70
C HIS D 218 20.75 -17.23 25.45
N SER D 219 20.58 -17.80 26.64
CA SER D 219 21.71 -18.13 27.50
C SER D 219 21.99 -19.62 27.56
N ASN D 220 21.29 -20.41 26.77
CA ASN D 220 21.49 -21.85 26.69
C ASN D 220 21.00 -22.29 25.32
N TYR D 221 21.10 -23.60 25.04
CA TYR D 221 20.73 -24.15 23.73
C TYR D 221 19.40 -23.59 23.26
N VAL D 222 19.33 -23.22 21.98
CA VAL D 222 18.06 -22.88 21.36
C VAL D 222 17.51 -24.15 20.72
N PHE D 223 16.29 -24.51 21.09
CA PHE D 223 15.74 -25.81 20.78
C PHE D 223 14.65 -25.78 19.72
N CYS D 224 13.98 -24.65 19.50
CA CYS D 224 12.87 -24.63 18.57
C CYS D 224 12.67 -23.24 18.00
N CYS D 225 12.12 -23.15 16.79
CA CYS D 225 11.99 -21.84 16.17
C CYS D 225 10.92 -21.87 15.08
N ASN D 226 10.41 -20.69 14.76
CA ASN D 226 9.41 -20.56 13.69
C ASN D 226 9.30 -19.10 13.29
N PHE D 227 9.02 -18.88 12.01
CA PHE D 227 8.58 -17.57 11.53
C PHE D 227 7.11 -17.41 11.82
N ASN D 228 6.65 -16.15 11.92
CA ASN D 228 5.21 -15.92 11.88
C ASN D 228 4.76 -15.89 10.42
N PRO D 229 3.44 -15.96 10.17
CA PRO D 229 2.98 -16.02 8.78
C PRO D 229 3.39 -14.82 7.95
N GLN D 230 3.42 -13.61 8.54
CA GLN D 230 3.91 -12.45 7.81
C GLN D 230 5.40 -12.58 7.53
N SER D 231 6.09 -13.32 8.41
CA SER D 231 7.52 -13.61 8.37
C SER D 231 8.37 -12.38 8.62
N ASN D 232 7.81 -11.39 9.31
CA ASN D 232 8.58 -10.30 9.89
C ASN D 232 9.08 -10.61 11.30
N LEU D 233 8.56 -11.67 11.92
CA LEU D 233 8.98 -12.07 13.25
C LEU D 233 9.45 -13.52 13.26
N ILE D 234 10.35 -13.81 14.17
CA ILE D 234 10.73 -15.18 14.53
C ILE D 234 10.48 -15.39 16.01
N VAL D 235 9.97 -16.58 16.37
CA VAL D 235 9.83 -16.99 17.76
C VAL D 235 10.79 -18.12 18.02
N SER D 236 11.41 -18.12 19.21
CA SER D 236 12.35 -19.15 19.60
C SER D 236 12.06 -19.64 21.01
N GLY D 237 12.43 -20.90 21.28
CA GLY D 237 12.39 -21.43 22.62
C GLY D 237 13.71 -22.10 22.96
N SER D 238 14.07 -22.04 24.24
CA SER D 238 15.42 -22.39 24.64
C SER D 238 15.44 -23.19 25.93
N PHE D 239 16.54 -23.93 26.12
CA PHE D 239 16.83 -24.56 27.40
C PHE D 239 17.02 -23.55 28.52
N ASP D 240 17.11 -22.25 28.20
CA ASP D 240 17.14 -21.25 29.25
C ASP D 240 15.75 -20.93 29.80
N GLU D 241 14.71 -21.61 29.30
CA GLU D 241 13.33 -21.62 29.79
C GLU D 241 12.56 -20.39 29.31
N SER D 242 13.11 -19.63 28.39
CA SER D 242 12.44 -18.45 27.86
C SER D 242 11.97 -18.68 26.42
N VAL D 243 11.01 -17.87 26.03
CA VAL D 243 10.57 -17.71 24.64
C VAL D 243 10.95 -16.31 24.21
N ARG D 244 11.64 -16.19 23.08
CA ARG D 244 12.00 -14.87 22.59
C ARG D 244 11.34 -14.60 21.25
N ILE D 245 10.99 -13.33 21.04
CA ILE D 245 10.40 -12.85 19.79
C ILE D 245 11.41 -11.91 19.14
N TRP D 246 11.72 -12.15 17.86
CA TRP D 246 12.79 -11.44 17.18
C TRP D 246 12.28 -10.75 15.93
N ASP D 247 12.84 -9.58 15.64
CA ASP D 247 12.55 -8.87 14.40
C ASP D 247 13.47 -9.41 13.30
N VAL D 248 12.86 -9.90 12.21
CA VAL D 248 13.61 -10.52 11.12
C VAL D 248 14.53 -9.50 10.43
N LYS D 249 14.02 -8.29 10.20
CA LYS D 249 14.77 -7.32 9.41
C LYS D 249 16.01 -6.83 10.14
N THR D 250 15.90 -6.56 11.43
CA THR D 250 17.03 -6.07 12.20
C THR D 250 17.80 -7.18 12.90
N GLY D 251 17.21 -8.36 13.07
CA GLY D 251 17.83 -9.41 13.85
C GLY D 251 17.90 -9.14 15.33
N LYS D 252 17.17 -8.15 15.85
CA LYS D 252 17.24 -7.81 17.27
C LYS D 252 16.11 -8.50 18.02
N CYS D 253 16.37 -8.81 19.29
CA CYS D 253 15.35 -9.39 20.14
C CYS D 253 14.37 -8.31 20.57
N LEU D 254 13.08 -8.53 20.28
CA LEU D 254 12.04 -7.59 20.66
C LEU D 254 11.50 -7.84 22.07
N LYS D 255 11.30 -9.10 22.42
CA LYS D 255 10.66 -9.44 23.69
C LYS D 255 11.27 -10.73 24.20
N THR D 256 11.42 -10.82 25.52
CA THR D 256 11.79 -12.06 26.18
C THR D 256 10.67 -12.45 27.12
N LEU D 257 10.11 -13.63 26.92
CA LEU D 257 9.00 -14.09 27.73
C LEU D 257 9.52 -15.07 28.75
N PRO D 258 9.35 -14.83 30.06
CA PRO D 258 9.71 -15.85 31.05
C PRO D 258 8.69 -16.97 31.02
N ALA D 259 8.72 -17.76 29.94
CA ALA D 259 7.58 -18.58 29.58
C ALA D 259 7.40 -19.79 30.47
N HIS D 260 8.49 -20.41 30.93
CA HIS D 260 8.42 -21.72 31.56
C HIS D 260 9.49 -21.86 32.64
N SER D 261 9.41 -22.97 33.37
CA SER D 261 10.37 -23.28 34.43
C SER D 261 11.20 -24.53 34.09
N ASP D 262 11.25 -24.88 32.81
CA ASP D 262 12.07 -25.95 32.30
C ASP D 262 12.32 -25.68 30.83
N PRO D 263 13.18 -26.44 30.16
CA PRO D 263 13.45 -26.17 28.75
C PRO D 263 12.16 -26.12 27.92
N VAL D 264 12.15 -25.22 26.94
CA VAL D 264 11.01 -25.01 26.07
C VAL D 264 11.14 -25.97 24.90
N SER D 265 10.13 -26.83 24.71
CA SER D 265 10.26 -27.90 23.73
C SER D 265 9.72 -27.52 22.35
N ALA D 266 8.78 -26.57 22.26
CA ALA D 266 8.21 -26.18 20.96
C ALA D 266 7.61 -24.79 21.07
N VAL D 267 7.62 -24.07 19.94
CA VAL D 267 6.97 -22.77 19.79
C VAL D 267 6.37 -22.69 18.39
N HIS D 268 5.16 -22.13 18.30
CA HIS D 268 4.46 -22.06 17.02
C HIS D 268 3.52 -20.86 17.02
N PHE D 269 3.53 -20.11 15.92
CA PHE D 269 2.56 -19.04 15.68
C PHE D 269 1.27 -19.61 15.11
N ASN D 270 0.15 -18.95 15.44
CA ASN D 270 -1.10 -19.25 14.77
C ASN D 270 -1.14 -18.54 13.41
N ARG D 271 -2.27 -18.66 12.71
CA ARG D 271 -2.25 -18.40 11.28
C ARG D 271 -2.20 -16.92 10.91
N ASP D 272 -2.38 -16.01 11.85
CA ASP D 272 -2.15 -14.60 11.58
C ASP D 272 -1.04 -14.01 12.44
N GLY D 273 -0.28 -14.87 13.11
CA GLY D 273 0.81 -14.42 13.98
C GLY D 273 0.37 -13.73 15.25
N SER D 274 -0.93 -13.69 15.55
CA SER D 274 -1.35 -12.99 16.76
C SER D 274 -1.14 -13.81 18.03
N LEU D 275 -1.03 -15.13 17.92
CA LEU D 275 -0.80 -15.98 19.09
C LEU D 275 0.44 -16.83 18.90
N ILE D 276 1.09 -17.14 20.03
CA ILE D 276 2.18 -18.10 20.08
C ILE D 276 1.78 -19.19 21.07
N VAL D 277 1.94 -20.45 20.67
CA VAL D 277 1.79 -21.56 21.60
C VAL D 277 3.19 -22.07 21.93
N SER D 278 3.44 -22.33 23.21
CA SER D 278 4.69 -22.88 23.66
C SER D 278 4.42 -24.10 24.55
N SER D 279 5.38 -25.01 24.58
CA SER D 279 5.32 -26.19 25.42
C SER D 279 6.66 -26.38 26.12
N SER D 280 6.66 -27.14 27.20
CA SER D 280 7.88 -27.25 28.00
C SER D 280 7.91 -28.56 28.80
N TYR D 281 9.13 -28.99 29.14
CA TYR D 281 9.30 -30.08 30.09
C TYR D 281 8.65 -29.80 31.43
N ASP D 282 8.32 -28.52 31.73
CA ASP D 282 7.68 -28.25 33.01
C ASP D 282 6.25 -28.78 33.06
N GLY D 283 5.75 -29.35 31.96
CA GLY D 283 4.43 -29.93 31.91
C GLY D 283 3.35 -28.98 31.44
N LEU D 284 3.69 -27.75 31.11
CA LEU D 284 2.72 -26.75 30.73
C LEU D 284 2.71 -26.50 29.23
N CYS D 285 1.52 -26.19 28.74
CA CYS D 285 1.34 -25.56 27.43
CA CYS D 285 1.31 -25.57 27.43
C CYS D 285 0.75 -24.18 27.66
N ARG D 286 1.39 -23.16 27.09
CA ARG D 286 0.91 -21.78 27.26
C ARG D 286 0.66 -21.13 25.91
N ILE D 287 -0.34 -20.25 25.87
CA ILE D 287 -0.67 -19.46 24.71
C ILE D 287 -0.37 -18.00 25.01
N TRP D 288 0.39 -17.36 24.14
CA TRP D 288 0.91 -16.02 24.37
C TRP D 288 0.38 -15.06 23.33
N ASP D 289 0.00 -13.86 23.78
CA ASP D 289 -0.36 -12.77 22.89
C ASP D 289 0.91 -12.17 22.29
N THR D 290 1.08 -12.31 20.98
CA THR D 290 2.31 -11.86 20.33
C THR D 290 2.57 -10.38 20.58
N ALA D 291 1.54 -9.55 20.39
CA ALA D 291 1.73 -8.10 20.42
C ALA D 291 2.21 -7.61 21.78
N SER D 292 1.72 -8.21 22.88
CA SER D 292 2.07 -7.75 24.21
C SER D 292 3.04 -8.66 24.94
N GLY D 293 3.20 -9.91 24.50
CA GLY D 293 4.00 -10.87 25.21
C GLY D 293 3.35 -11.45 26.45
N GLN D 294 2.08 -11.14 26.70
CA GLN D 294 1.42 -11.60 27.92
C GLN D 294 0.70 -12.93 27.67
N CYS D 295 0.58 -13.72 28.72
CA CYS D 295 0.01 -15.05 28.63
C CYS D 295 -1.52 -14.95 28.56
N LEU D 296 -2.10 -15.57 27.54
CA LEU D 296 -3.55 -15.63 27.38
C LEU D 296 -4.16 -16.79 28.13
N LYS D 297 -3.43 -17.91 28.23
CA LYS D 297 -4.02 -19.13 28.76
C LYS D 297 -2.91 -20.12 29.06
N THR D 298 -3.03 -20.82 30.19
CA THR D 298 -2.16 -21.96 30.45
C THR D 298 -2.98 -23.24 30.32
N PRO D 305 3.37 -34.45 33.39
CA PRO D 305 4.12 -35.04 32.28
C PRO D 305 4.71 -33.98 31.34
N PRO D 306 5.99 -34.06 31.02
CA PRO D 306 6.60 -33.08 30.13
C PRO D 306 5.84 -33.00 28.81
N VAL D 307 5.55 -31.78 28.38
CA VAL D 307 4.95 -31.56 27.06
C VAL D 307 6.11 -31.39 26.09
N SER D 308 6.19 -32.30 25.11
CA SER D 308 7.37 -32.43 24.25
C SER D 308 7.19 -31.82 22.87
N PHE D 309 5.99 -31.39 22.51
CA PHE D 309 5.71 -30.80 21.22
C PHE D 309 4.33 -30.18 21.25
N VAL D 310 4.17 -29.03 20.59
CA VAL D 310 2.86 -28.44 20.36
C VAL D 310 2.87 -27.73 19.01
N LYS D 311 1.69 -27.66 18.38
CA LYS D 311 1.52 -26.76 17.26
C LYS D 311 0.04 -26.48 17.07
N PHE D 312 -0.23 -25.36 16.39
CA PHE D 312 -1.59 -25.05 15.97
C PHE D 312 -1.97 -25.91 14.77
N SER D 313 -3.25 -26.25 14.71
CA SER D 313 -3.79 -26.99 13.57
C SER D 313 -3.82 -26.12 12.33
N PRO D 314 -3.96 -26.73 11.14
CA PRO D 314 -4.25 -25.93 9.95
C PRO D 314 -5.55 -25.16 10.07
N ASN D 315 -6.47 -25.66 10.90
CA ASN D 315 -7.65 -24.94 11.39
C ASN D 315 -7.30 -23.53 11.86
N GLY D 316 -6.17 -23.41 12.55
CA GLY D 316 -5.91 -22.28 13.42
C GLY D 316 -6.62 -22.35 14.75
N LYS D 317 -7.49 -23.32 14.96
CA LYS D 317 -8.33 -23.34 16.14
C LYS D 317 -8.03 -24.48 17.11
N TYR D 318 -7.21 -25.45 16.73
CA TYR D 318 -6.82 -26.52 17.63
C TYR D 318 -5.33 -26.44 17.91
N ILE D 319 -4.92 -27.11 18.99
CA ILE D 319 -3.51 -27.32 19.29
C ILE D 319 -3.29 -28.82 19.46
N LEU D 320 -2.31 -29.34 18.72
CA LEU D 320 -1.89 -30.73 18.88
C LEU D 320 -0.69 -30.76 19.81
N ALA D 321 -0.78 -31.54 20.90
CA ALA D 321 0.28 -31.59 21.90
C ALA D 321 0.70 -33.02 22.17
N ALA D 322 2.02 -33.22 22.29
CA ALA D 322 2.60 -34.49 22.69
C ALA D 322 3.12 -34.38 24.13
N THR D 323 2.92 -35.43 24.90
CA THR D 323 3.48 -35.55 26.23
C THR D 323 4.32 -36.83 26.30
N LEU D 324 5.35 -36.82 27.14
CA LEU D 324 6.25 -37.95 27.28
C LEU D 324 5.66 -39.09 28.10
N ASP D 325 4.37 -39.37 27.88
CA ASP D 325 3.68 -40.57 28.34
C ASP D 325 3.03 -41.28 27.15
N ASN D 326 3.71 -41.23 25.99
CA ASN D 326 3.30 -41.94 24.78
C ASN D 326 1.92 -41.50 24.29
N THR D 327 1.63 -40.20 24.39
CA THR D 327 0.28 -39.72 24.09
C THR D 327 0.33 -38.43 23.27
N LEU D 328 -0.48 -38.39 22.21
CA LEU D 328 -0.77 -37.16 21.47
C LEU D 328 -2.22 -36.76 21.71
N LYS D 329 -2.47 -35.46 21.89
CA LYS D 329 -3.80 -34.98 22.21
C LYS D 329 -4.14 -33.77 21.37
N LEU D 330 -5.38 -33.73 20.87
CA LEU D 330 -5.88 -32.61 20.10
C LEU D 330 -6.77 -31.77 21.00
N TRP D 331 -6.40 -30.51 21.19
CA TRP D 331 -7.05 -29.63 22.16
C TRP D 331 -7.77 -28.51 21.46
N ASP D 332 -9.01 -28.26 21.89
CA ASP D 332 -9.69 -26.99 21.61
C ASP D 332 -9.23 -26.04 22.70
N TYR D 333 -8.29 -25.15 22.38
CA TYR D 333 -7.65 -24.38 23.44
C TYR D 333 -8.57 -23.29 23.99
N SER D 334 -9.46 -22.73 23.16
CA SER D 334 -10.42 -21.76 23.66
C SER D 334 -11.33 -22.38 24.72
N LYS D 335 -11.91 -23.54 24.40
CA LYS D 335 -12.68 -24.28 25.39
C LYS D 335 -11.81 -25.00 26.41
N GLY D 336 -10.52 -25.18 26.11
CA GLY D 336 -9.64 -25.91 27.02
C GLY D 336 -10.01 -27.36 27.17
N LYS D 337 -10.57 -27.97 26.13
CA LYS D 337 -11.08 -29.34 26.18
C LYS D 337 -10.31 -30.22 25.22
N CYS D 338 -10.03 -31.45 25.65
CA CYS D 338 -9.37 -32.41 24.78
C CYS D 338 -10.42 -33.06 23.88
N LEU D 339 -10.23 -32.96 22.56
CA LEU D 339 -11.21 -33.50 21.64
C LEU D 339 -10.83 -34.88 21.12
N LYS D 340 -9.54 -35.13 20.92
CA LYS D 340 -9.06 -36.39 20.36
C LYS D 340 -7.74 -36.75 21.01
N THR D 341 -7.47 -38.05 21.08
CA THR D 341 -6.27 -38.57 21.70
C THR D 341 -5.75 -39.69 20.82
N TYR D 342 -4.42 -39.77 20.65
CA TYR D 342 -3.81 -40.75 19.78
C TYR D 342 -2.70 -41.46 20.55
N THR D 343 -2.70 -42.79 20.50
CA THR D 343 -1.74 -43.59 21.25
C THR D 343 -1.38 -44.81 20.41
N GLY D 344 -0.49 -45.63 20.95
CA GLY D 344 0.00 -46.82 20.28
C GLY D 344 1.46 -46.73 19.89
N HIS D 345 1.99 -45.53 19.82
CA HIS D 345 3.39 -45.30 19.51
C HIS D 345 4.20 -45.20 20.80
N LYS D 346 5.51 -45.04 20.67
CA LYS D 346 6.42 -44.96 21.81
C LYS D 346 7.01 -43.56 21.88
N ASN D 347 6.75 -42.86 22.98
CA ASN D 347 7.29 -41.51 23.14
C ASN D 347 7.39 -41.20 24.64
N GLU D 348 8.52 -41.57 25.23
CA GLU D 348 8.82 -41.30 26.63
C GLU D 348 10.09 -40.49 26.84
N LYS D 349 10.85 -40.23 25.80
CA LYS D 349 12.18 -39.68 26.01
C LYS D 349 12.49 -38.47 25.15
N TYR D 350 12.08 -38.47 23.88
CA TYR D 350 12.52 -37.48 22.91
C TYR D 350 11.38 -36.55 22.52
N CYS D 351 11.74 -35.32 22.19
CA CYS D 351 10.76 -34.38 21.65
C CYS D 351 10.59 -34.70 20.18
N ILE D 352 9.49 -35.41 19.87
CA ILE D 352 9.19 -35.88 18.53
C ILE D 352 8.10 -34.99 17.94
N PHE D 353 8.33 -34.52 16.72
CA PHE D 353 7.37 -33.69 16.02
C PHE D 353 6.13 -34.49 15.67
N ALA D 354 5.01 -33.79 15.52
CA ALA D 354 3.79 -34.41 14.99
C ALA D 354 3.17 -33.46 13.98
N ASN D 355 2.34 -34.01 13.09
CA ASN D 355 1.79 -33.20 12.02
C ASN D 355 0.33 -33.56 11.77
N PHE D 356 -0.40 -32.57 11.28
CA PHE D 356 -1.66 -32.78 10.58
C PHE D 356 -1.35 -33.04 9.10
N SER D 357 -1.85 -34.15 8.58
CA SER D 357 -1.79 -34.43 7.15
C SER D 357 -3.13 -34.04 6.55
N VAL D 358 -3.13 -33.07 5.65
CA VAL D 358 -4.37 -32.45 5.18
C VAL D 358 -4.56 -32.57 3.67
N THR D 359 -3.59 -33.10 2.94
CA THR D 359 -3.67 -33.04 1.49
C THR D 359 -4.60 -34.12 0.93
N GLY D 360 -4.73 -35.24 1.62
CA GLY D 360 -5.65 -36.29 1.21
C GLY D 360 -6.58 -36.61 2.35
N GLY D 361 -6.52 -37.85 2.85
CA GLY D 361 -7.27 -38.17 4.05
C GLY D 361 -6.74 -37.39 5.24
N LYS D 362 -7.59 -37.19 6.23
CA LYS D 362 -7.27 -36.35 7.38
C LYS D 362 -6.56 -37.20 8.43
N TRP D 363 -5.23 -37.11 8.47
CA TRP D 363 -4.43 -37.95 9.35
C TRP D 363 -3.68 -37.10 10.37
N ILE D 364 -3.26 -37.77 11.46
CA ILE D 364 -2.21 -37.29 12.36
C ILE D 364 -0.98 -38.15 12.11
N VAL D 365 0.19 -37.52 12.01
CA VAL D 365 1.44 -38.22 11.69
C VAL D 365 2.47 -37.92 12.76
N SER D 366 3.17 -38.96 13.22
CA SER D 366 4.21 -38.74 14.22
C SER D 366 5.29 -39.80 14.10
N GLY D 367 6.52 -39.41 14.42
CA GLY D 367 7.57 -40.38 14.68
C GLY D 367 7.33 -41.12 15.98
N SER D 368 8.24 -42.04 16.27
CA SER D 368 8.09 -42.93 17.41
C SER D 368 9.45 -43.50 17.80
N GLU D 369 9.58 -43.83 19.08
CA GLU D 369 10.84 -44.36 19.59
C GLU D 369 11.04 -45.84 19.27
N ASP D 370 10.09 -46.48 18.59
CA ASP D 370 10.29 -47.83 18.08
C ASP D 370 10.65 -47.84 16.60
N ASN D 371 11.15 -46.70 16.09
CA ASN D 371 11.76 -46.54 14.78
C ASN D 371 10.72 -46.50 13.67
N LEU D 372 9.43 -46.38 14.00
CA LEU D 372 8.35 -46.36 13.02
C LEU D 372 7.74 -44.96 12.89
N VAL D 373 7.15 -44.71 11.73
CA VAL D 373 6.27 -43.56 11.53
C VAL D 373 4.83 -44.03 11.74
N TYR D 374 4.11 -43.38 12.65
CA TYR D 374 2.73 -43.72 12.92
C TYR D 374 1.80 -42.73 12.22
N ILE D 375 0.72 -43.26 11.63
CA ILE D 375 -0.33 -42.45 11.04
C ILE D 375 -1.66 -42.86 11.65
N TRP D 376 -2.42 -41.89 12.14
CA TRP D 376 -3.74 -42.11 12.69
C TRP D 376 -4.81 -41.43 11.85
N ASN D 377 -6.00 -42.03 11.83
CA ASN D 377 -7.19 -41.32 11.40
C ASN D 377 -7.53 -40.26 12.44
N LEU D 378 -7.51 -38.99 12.03
CA LEU D 378 -7.69 -37.89 12.99
C LEU D 378 -9.02 -38.01 13.73
N GLN D 379 -10.10 -38.37 13.02
CA GLN D 379 -11.41 -38.39 13.66
C GLN D 379 -11.63 -39.66 14.47
N THR D 380 -11.30 -40.83 13.92
CA THR D 380 -11.59 -42.07 14.63
C THR D 380 -10.52 -42.41 15.66
N LYS D 381 -9.33 -41.83 15.53
CA LYS D 381 -8.17 -42.02 16.38
C LYS D 381 -7.50 -43.39 16.20
N GLU D 382 -7.93 -44.17 15.22
CA GLU D 382 -7.30 -45.46 14.98
C GLU D 382 -6.03 -45.31 14.14
N ILE D 383 -5.05 -46.17 14.42
CA ILE D 383 -3.85 -46.24 13.61
C ILE D 383 -4.22 -46.80 12.25
N VAL D 384 -3.81 -46.12 11.19
CA VAL D 384 -4.14 -46.56 9.84
C VAL D 384 -2.91 -46.98 9.05
N GLN D 385 -1.70 -46.59 9.44
CA GLN D 385 -0.49 -47.07 8.80
C GLN D 385 0.69 -46.88 9.75
N LYS D 386 1.62 -47.84 9.72
CA LYS D 386 2.92 -47.73 10.38
C LYS D 386 4.00 -47.92 9.32
N LEU D 387 4.89 -46.95 9.19
CA LEU D 387 5.90 -46.94 8.13
C LEU D 387 7.21 -47.52 8.67
N GLN D 388 7.63 -48.65 8.11
CA GLN D 388 8.80 -49.37 8.58
C GLN D 388 10.00 -49.08 7.68
N GLY D 389 11.16 -48.90 8.29
CA GLY D 389 12.35 -48.64 7.49
C GLY D 389 13.50 -48.01 8.25
N HIS D 390 13.21 -47.06 9.13
CA HIS D 390 14.30 -46.43 9.86
C HIS D 390 14.92 -47.40 10.86
N THR D 391 16.19 -47.17 11.20
CA THR D 391 16.88 -48.02 12.17
C THR D 391 17.22 -47.28 13.46
N ASP D 392 16.57 -46.15 13.71
CA ASP D 392 16.67 -45.46 15.00
C ASP D 392 15.39 -44.66 15.20
N VAL D 393 15.28 -44.03 16.37
CA VAL D 393 14.13 -43.20 16.72
C VAL D 393 13.81 -42.25 15.58
N VAL D 394 12.56 -42.21 15.16
CA VAL D 394 12.12 -41.25 14.16
C VAL D 394 11.77 -39.98 14.92
N ILE D 395 12.66 -39.00 14.86
CA ILE D 395 12.55 -37.82 15.71
C ILE D 395 11.70 -36.74 15.07
N SER D 396 11.56 -36.75 13.74
CA SER D 396 10.87 -35.66 13.08
C SER D 396 10.17 -36.19 11.85
N THR D 397 8.98 -35.65 11.61
CA THR D 397 8.24 -35.91 10.40
C THR D 397 7.68 -34.60 9.89
N ALA D 398 7.44 -34.57 8.59
CA ALA D 398 6.81 -33.41 7.96
C ALA D 398 5.92 -33.89 6.85
N CYS D 399 4.87 -33.12 6.57
CA CYS D 399 3.93 -33.43 5.51
C CYS D 399 4.01 -32.37 4.43
N HIS D 400 4.03 -32.81 3.17
CA HIS D 400 4.15 -31.88 2.06
C HIS D 400 2.92 -30.98 2.02
N PRO D 401 3.08 -29.69 1.68
CA PRO D 401 1.92 -28.79 1.74
C PRO D 401 0.82 -29.06 0.71
N THR D 402 1.11 -29.75 -0.41
CA THR D 402 0.05 -29.95 -1.39
C THR D 402 -0.07 -31.39 -1.86
N GLU D 403 1.02 -32.15 -1.84
CA GLU D 403 1.04 -33.54 -2.27
C GLU D 403 1.06 -34.48 -1.08
N ASN D 404 0.68 -35.73 -1.34
CA ASN D 404 0.64 -36.77 -0.31
C ASN D 404 2.04 -37.37 -0.14
N ILE D 405 2.90 -36.59 0.50
CA ILE D 405 4.30 -36.95 0.68
C ILE D 405 4.66 -36.68 2.14
N ILE D 406 5.34 -37.64 2.77
CA ILE D 406 5.81 -37.52 4.14
C ILE D 406 7.33 -37.65 4.14
N ALA D 407 8.00 -36.76 4.87
CA ALA D 407 9.42 -36.90 5.16
C ALA D 407 9.59 -37.34 6.61
N SER D 408 10.54 -38.22 6.86
CA SER D 408 10.83 -38.67 8.21
C SER D 408 12.34 -38.66 8.42
N ALA D 409 12.77 -38.47 9.66
CA ALA D 409 14.19 -38.35 9.98
C ALA D 409 14.50 -39.07 11.27
N ALA D 410 15.69 -39.68 11.35
CA ALA D 410 16.02 -40.57 12.45
C ALA D 410 17.32 -40.18 13.15
N LEU D 411 17.51 -40.72 14.35
CA LEU D 411 18.66 -40.41 15.21
C LEU D 411 19.92 -41.16 14.73
N GLU D 412 20.97 -41.16 15.55
CA GLU D 412 22.32 -41.31 15.00
C GLU D 412 22.68 -42.73 14.59
N ASN D 413 21.91 -43.76 14.99
CA ASN D 413 22.16 -45.07 14.40
C ASN D 413 21.74 -45.13 12.93
N ASP D 414 20.93 -44.16 12.49
CA ASP D 414 20.33 -44.18 11.15
C ASP D 414 20.83 -43.01 10.33
N LYS D 415 20.61 -41.78 10.79
CA LYS D 415 21.14 -40.55 10.21
C LYS D 415 20.58 -40.23 8.82
N THR D 416 19.51 -40.89 8.41
CA THR D 416 18.94 -40.62 7.09
C THR D 416 17.55 -40.01 7.19
N ILE D 417 17.12 -39.44 6.08
CA ILE D 417 15.77 -38.93 5.88
C ILE D 417 15.12 -39.82 4.85
N LYS D 418 13.85 -40.17 5.07
CA LYS D 418 13.12 -40.99 4.11
C LYS D 418 11.90 -40.23 3.59
N LEU D 419 11.65 -40.37 2.30
CA LEU D 419 10.52 -39.73 1.63
C LEU D 419 9.54 -40.83 1.24
N TRP D 420 8.29 -40.68 1.67
CA TRP D 420 7.24 -41.67 1.52
C TRP D 420 6.10 -41.03 0.74
N LYS D 421 5.51 -41.78 -0.21
CA LYS D 421 4.46 -41.23 -1.04
C LYS D 421 3.24 -42.15 -0.99
N SER D 422 2.07 -41.53 -0.98
CA SER D 422 0.79 -42.21 -0.90
C SER D 422 -0.08 -41.77 -2.05
N ASP D 423 -0.89 -42.68 -2.57
CA ASP D 423 -1.83 -42.36 -3.64
C ASP D 423 -3.05 -41.61 -3.13
N CYS D 424 -3.26 -41.57 -1.82
CA CYS D 424 -4.38 -40.85 -1.23
C CYS D 424 -4.02 -40.32 0.16
C02 A1BW9 E . 2.31 14.49 -30.95
C04 A1BW9 E . 3.22 13.12 -32.99
C05 A1BW9 E . 2.39 12.96 -34.26
C06 A1BW9 E . 1.94 11.70 -34.61
C07 A1BW9 E . 1.19 11.53 -35.77
C08 A1BW9 E . 0.70 10.12 -36.06
C09 A1BW9 E . 1.50 9.09 -36.54
C10 A1BW9 E . 2.97 9.34 -36.86
C11 A1BW9 E . 0.93 7.84 -36.73
C12 A1BW9 E . -0.41 7.63 -36.42
C14 A1BW9 E . -1.19 8.66 -35.95
C15 A1BW9 E . -0.62 9.90 -35.76
C16 A1BW9 E . 0.85 12.64 -36.59
C17 A1BW9 E . -0.01 12.43 -37.86
C18 A1BW9 E . -0.89 13.67 -38.14
C19 A1BW9 E . -0.06 14.97 -37.90
C20 A1BW9 E . 0.98 14.99 -37.01
C24 A1BW9 E . -1.14 16.60 -39.46
C25 A1BW9 E . -2.30 17.37 -38.83
C26 A1BW9 E . -2.59 17.29 -37.47
C27 A1BW9 E . -3.67 18.02 -36.95
C29 A1BW9 E . -3.03 17.44 -34.73
C30 A1BW9 E . -4.44 18.81 -37.79
C31 A1BW9 E . -4.16 18.88 -39.14
C33 A1BW9 E . -4.33 20.11 -41.15
C34 A1BW9 E . -3.09 18.17 -39.65
C35 A1BW9 E . 1.30 13.85 -36.25
C36 A1BW9 E . 2.08 14.05 -35.06
C37 A1BW9 E . 1.27 12.44 -31.42
C38 A1BW9 E . 0.60 13.05 -30.22
C40 A1BW9 E . 0.90 15.20 -28.85
F13 A1BW9 E . -1.02 6.42 -36.60
N01 A1BW9 E . 3.08 15.46 -31.02
N03 A1BW9 E . 2.33 13.32 -31.85
N21 A1BW9 E . 1.50 16.25 -37.01
N22 A1BW9 E . 0.79 17.00 -37.92
N23 A1BW9 E . -0.17 16.20 -38.46
N39 A1BW9 E . 1.25 14.29 -29.94
O28 A1BW9 E . -4.01 17.98 -35.58
O32 A1BW9 E . -4.95 19.69 -39.97
C02 A1BW9 F . -26.90 -11.45 -4.87
C04 A1BW9 F . -26.09 -12.80 -6.95
C05 A1BW9 F . -26.88 -13.02 -8.23
C06 A1BW9 F . -27.30 -14.30 -8.56
C07 A1BW9 F . -28.01 -14.52 -9.74
C08 A1BW9 F . -28.48 -15.94 -10.00
C09 A1BW9 F . -27.70 -16.94 -10.56
C10 A1BW9 F . -26.26 -16.65 -10.97
C11 A1BW9 F . -28.25 -18.20 -10.72
C12 A1BW9 F . -29.56 -18.44 -10.32
C14 A1BW9 F . -30.32 -17.44 -9.78
C15 A1BW9 F . -29.77 -16.19 -9.62
C16 A1BW9 F . -28.37 -13.44 -10.58
C17 A1BW9 F . -29.19 -13.68 -11.86
C18 A1BW9 F . -30.10 -12.45 -12.16
C19 A1BW9 F . -29.30 -11.13 -11.96
C20 A1BW9 F . -28.27 -11.08 -11.05
C24 A1BW9 F . -30.38 -9.54 -13.57
C25 A1BW9 F . -31.54 -8.72 -12.99
C26 A1BW9 F . -31.84 -8.74 -11.62
C27 A1BW9 F . -32.90 -7.97 -11.14
C29 A1BW9 F . -32.40 -8.72 -8.94
C30 A1BW9 F . -33.67 -7.21 -12.01
C31 A1BW9 F . -33.37 -7.19 -13.36
C33 A1BW9 F . -33.45 -5.84 -15.30
C34 A1BW9 F . -32.31 -7.95 -13.85
C35 A1BW9 F . -27.94 -12.19 -10.27
C36 A1BW9 F . -27.19 -11.96 -9.07
C37 A1BW9 F . -28.06 -13.43 -5.39
C38 A1BW9 F . -28.68 -12.82 -4.16
C40 A1BW9 F . -28.25 -10.72 -2.72
F13 A1BW9 F . -30.17 -19.65 -10.47
N01 A1BW9 F . -26.07 -10.53 -4.92
N03 A1BW9 F . -26.98 -12.59 -5.81
N21 A1BW9 F . -27.76 -9.82 -11.07
N22 A1BW9 F . -28.47 -9.09 -11.99
N23 A1BW9 F . -29.42 -9.91 -12.53
N39 A1BW9 F . -27.97 -11.62 -3.85
O28 A1BW9 F . -33.24 -7.96 -9.78
O32 A1BW9 F . -34.16 -6.41 -14.23
#